data_1VIW
#
_entry.id   1VIW
#
_cell.length_a   168.475
_cell.length_b   75.911
_cell.length_c   61.989
_cell.angle_alpha   90.00
_cell.angle_beta   101.29
_cell.angle_gamma   90.00
#
_symmetry.space_group_name_H-M   'C 1 2 1'
#
loop_
_entity.id
_entity.type
_entity.pdbx_description
1 polymer ALPHA-AMYLASE
2 polymer ALPHA-AMYLASE-INHIBITOR
3 branched 2-acetamido-2-deoxy-beta-D-glucopyranose-(1-4)-2-acetamido-2-deoxy-beta-D-glucopyranose
4 non-polymer 'CHLORIDE ION'
5 non-polymer 'CALCIUM ION'
#
loop_
_entity_poly.entity_id
_entity_poly.type
_entity_poly.pdbx_seq_one_letter_code
_entity_poly.pdbx_strand_id
1 'polypeptide(L)'
;(PCA)KDANFASGRNSIVHLFEWKWNDIADECERFLQPQGFGGVQISPPNEYLVADGRPWWERYQPVSYIINTRSGNESA
FTDMTRRCNDAGVRIYVDAVINHMTGMNGVGTSGSSADHDGMNYPAVPYGSGDFHSPCEVNNYQDADNVRNCELVGLRDL
NAGSDYVRGVLIDYMNHMIDLGVAGFRVDAAKHMSPGDLSVIFDGLKNLNTDYGFADGARPFIYQEVIDLGGEAISKNEY
TGFGCVLEFQFGVSLGNAFQGGNQLKNLANWGPEWGLLEGLDAVVFVDNHDNQRTGGSQILTYKNPKPYKMAIAFMLAHP
YGTTRIMSSFDFTDNDQGPPQDGSGNLISPGINDDNTCSNGYVCEHRWRQVYGMVGFRNAVEGTQVENWWSNDDNQIAFS
RGSQGFVAFTNGGDLNQNLNTGLPAGTYCDVISGELSGGSCTGKSVTVGDNGSADISLGSAEDDGVLAIHVNAKL
;
A
2 'polypeptide(L)'
;ATETSFIIDAFNKTNLILQGDATVSSNGNLQLSYNSYDSMSRAFYSAPIQIRDSTTGNVASFDTNFTMNIRTHRQANSAV
GLDFVLVPVQPESKGDTVTVEFDTFLSRISIDVNNNDIKSVPWDVHDYDGQNAEVRITYNSSTKVFSVSLSNPSTGKSNN
VSTTVELEKEVYDWVSVGFSATSGAYQWSYETHDVLSWSFSSKFI
;
B
#
# COMPACT_ATOMS: atom_id res chain seq x y z
N LYS A 2 -7.02 9.46 16.93
CA LYS A 2 -6.47 8.17 16.53
C LYS A 2 -7.26 7.05 17.20
N ASP A 3 -8.39 7.38 17.82
CA ASP A 3 -9.18 6.35 18.47
C ASP A 3 -10.03 5.54 17.48
N ALA A 4 -9.97 4.22 17.63
CA ALA A 4 -10.73 3.28 16.79
C ALA A 4 -12.17 3.74 16.62
N ASN A 5 -12.91 3.76 17.73
CA ASN A 5 -14.31 4.18 17.80
C ASN A 5 -15.38 3.11 17.65
N PHE A 6 -15.02 1.83 17.67
CA PHE A 6 -16.03 0.79 17.49
C PHE A 6 -16.94 0.63 18.71
N ALA A 7 -18.11 0.02 18.47
CA ALA A 7 -19.05 -0.26 19.54
C ALA A 7 -18.32 -1.29 20.44
N SER A 8 -18.17 -0.97 21.73
CA SER A 8 -17.47 -1.84 22.69
C SER A 8 -17.59 -3.36 22.56
N GLY A 9 -16.60 -4.07 23.06
CA GLY A 9 -16.63 -5.53 23.01
C GLY A 9 -16.46 -6.05 21.60
N ARG A 10 -16.16 -5.12 20.70
CA ARG A 10 -15.94 -5.47 19.30
C ARG A 10 -14.54 -5.05 18.88
N ASN A 11 -14.07 -5.67 17.71
CA ASN A 11 -12.71 -5.38 17.19
C ASN A 11 -12.56 -5.65 15.64
N SER A 12 -11.78 -4.68 15.10
CA SER A 12 -11.23 -4.43 13.68
C SER A 12 -12.33 -4.32 12.56
N ILE A 13 -11.84 -3.77 11.40
CA ILE A 13 -12.69 -3.30 10.24
C ILE A 13 -12.40 -3.99 8.92
N VAL A 14 -13.32 -3.77 7.96
CA VAL A 14 -13.22 -4.41 6.61
C VAL A 14 -13.39 -3.46 5.41
N HIS A 15 -12.69 -3.79 4.33
CA HIS A 15 -12.77 -3.01 3.09
C HIS A 15 -13.66 -3.73 2.06
N LEU A 16 -14.94 -3.35 2.03
CA LEU A 16 -15.90 -3.95 1.11
C LEU A 16 -15.77 -3.19 -0.20
N PHE A 17 -14.58 -3.36 -0.78
CA PHE A 17 -14.14 -2.76 -2.04
C PHE A 17 -15.19 -2.77 -3.12
N GLU A 18 -15.66 -1.58 -3.50
CA GLU A 18 -16.67 -1.40 -4.53
C GLU A 18 -18.11 -1.85 -4.26
N TRP A 19 -18.36 -2.49 -3.13
CA TRP A 19 -19.71 -2.97 -2.83
C TRP A 19 -20.73 -1.86 -2.82
N LYS A 20 -21.99 -2.19 -3.12
CA LYS A 20 -23.08 -1.21 -3.11
C LYS A 20 -23.50 -0.82 -1.67
N TRP A 21 -24.10 0.36 -1.51
CA TRP A 21 -24.54 0.85 -0.20
C TRP A 21 -25.56 -0.08 0.45
N ASN A 22 -26.78 -0.14 -0.09
CA ASN A 22 -27.78 -1.01 0.51
C ASN A 22 -27.23 -2.41 0.76
N ASP A 23 -26.35 -2.88 -0.13
CA ASP A 23 -25.74 -4.20 0.03
C ASP A 23 -24.96 -4.17 1.36
N ILE A 24 -24.11 -3.15 1.53
CA ILE A 24 -23.31 -3.00 2.74
C ILE A 24 -24.20 -3.17 3.95
N ALA A 25 -25.33 -2.46 3.94
CA ALA A 25 -26.30 -2.51 5.03
C ALA A 25 -26.65 -3.94 5.41
N ASP A 26 -27.05 -4.72 4.41
CA ASP A 26 -27.38 -6.11 4.65
C ASP A 26 -26.19 -6.72 5.41
N GLU A 27 -25.02 -6.73 4.77
CA GLU A 27 -23.80 -7.28 5.36
C GLU A 27 -23.51 -6.77 6.77
N CYS A 28 -23.78 -5.48 7.00
CA CYS A 28 -23.54 -4.81 8.28
C CYS A 28 -24.23 -5.50 9.43
N GLU A 29 -25.53 -5.74 9.26
CA GLU A 29 -26.35 -6.38 10.28
C GLU A 29 -26.48 -7.92 10.21
N ARG A 30 -26.26 -8.51 9.04
CA ARG A 30 -26.36 -9.97 8.83
C ARG A 30 -25.08 -10.75 9.13
N PHE A 31 -23.93 -10.15 8.83
CA PHE A 31 -22.67 -10.85 9.07
C PHE A 31 -21.65 -10.12 9.92
N LEU A 32 -21.41 -8.84 9.62
CA LEU A 32 -20.44 -8.07 10.40
C LEU A 32 -20.73 -8.01 11.91
N GLN A 33 -21.88 -7.45 12.30
CA GLN A 33 -22.27 -7.33 13.71
C GLN A 33 -22.27 -8.64 14.53
N PRO A 34 -22.90 -9.73 14.02
CA PRO A 34 -22.91 -10.98 14.80
C PRO A 34 -21.48 -11.46 15.12
N GLN A 35 -20.55 -11.05 14.28
CA GLN A 35 -19.15 -11.46 14.45
C GLN A 35 -18.15 -10.52 15.11
N GLY A 36 -18.58 -9.69 16.05
CA GLY A 36 -17.63 -8.81 16.72
C GLY A 36 -16.77 -7.94 15.82
N PHE A 37 -17.28 -7.57 14.65
CA PHE A 37 -16.54 -6.71 13.71
C PHE A 37 -16.53 -5.22 14.06
N GLY A 38 -15.43 -4.56 13.76
CA GLY A 38 -15.28 -3.14 14.05
C GLY A 38 -16.21 -2.33 13.18
N GLY A 39 -15.96 -2.39 11.87
CA GLY A 39 -16.80 -1.65 10.94
C GLY A 39 -16.46 -1.95 9.49
N VAL A 40 -16.51 -0.90 8.67
CA VAL A 40 -16.21 -1.01 7.26
C VAL A 40 -15.56 0.26 6.75
N GLN A 41 -14.54 0.08 5.93
CA GLN A 41 -13.89 1.19 5.28
C GLN A 41 -14.75 1.17 4.03
N ILE A 42 -15.69 2.11 3.95
CA ILE A 42 -16.61 2.21 2.83
C ILE A 42 -15.97 2.80 1.60
N SER A 43 -16.02 2.06 0.49
CA SER A 43 -15.47 2.53 -0.80
C SER A 43 -15.91 3.98 -1.08
N PRO A 44 -15.12 4.74 -1.85
CA PRO A 44 -15.40 6.15 -2.21
C PRO A 44 -16.87 6.48 -2.48
N PRO A 45 -17.57 7.14 -1.54
CA PRO A 45 -18.98 7.54 -1.57
C PRO A 45 -19.39 8.77 -2.42
N ASN A 46 -18.45 9.67 -2.70
CA ASN A 46 -18.70 10.90 -3.46
C ASN A 46 -18.59 10.78 -4.99
N GLU A 47 -19.26 11.66 -5.72
CA GLU A 47 -19.24 11.65 -7.19
C GLU A 47 -17.85 11.75 -7.78
N TYR A 48 -17.50 10.75 -8.58
CA TYR A 48 -16.18 10.66 -9.22
C TYR A 48 -16.33 10.48 -10.72
N LEU A 49 -15.22 10.37 -11.44
CA LEU A 49 -15.31 10.23 -12.88
C LEU A 49 -15.84 8.90 -13.42
N VAL A 50 -16.53 8.97 -14.56
CA VAL A 50 -17.04 7.78 -15.25
C VAL A 50 -15.95 7.53 -16.30
N ALA A 51 -14.97 6.73 -15.93
CA ALA A 51 -13.85 6.42 -16.82
C ALA A 51 -14.27 5.24 -17.66
N ASP A 52 -14.02 5.32 -18.96
CA ASP A 52 -14.41 4.24 -19.86
C ASP A 52 -13.97 2.89 -19.34
N GLY A 53 -14.81 1.88 -19.59
CA GLY A 53 -14.55 0.53 -19.12
C GLY A 53 -14.87 0.40 -17.65
N ARG A 54 -15.06 1.56 -16.99
CA ARG A 54 -15.38 1.71 -15.57
C ARG A 54 -14.53 0.83 -14.64
N PRO A 55 -13.26 1.22 -14.49
CA PRO A 55 -12.29 0.52 -13.67
C PRO A 55 -12.27 1.01 -12.23
N TRP A 56 -11.83 0.15 -11.34
CA TRP A 56 -11.74 0.46 -9.92
C TRP A 56 -11.07 1.83 -9.75
N TRP A 57 -10.04 2.07 -10.55
CA TRP A 57 -9.34 3.33 -10.44
C TRP A 57 -10.10 4.58 -10.77
N GLU A 58 -11.19 4.46 -11.52
CA GLU A 58 -11.99 5.65 -11.86
C GLU A 58 -12.46 6.30 -10.55
N ARG A 59 -12.72 5.43 -9.59
CA ARG A 59 -13.20 5.78 -8.26
C ARG A 59 -12.27 6.75 -7.52
N TYR A 60 -11.14 7.09 -8.13
CA TYR A 60 -10.20 8.00 -7.50
C TYR A 60 -9.94 9.33 -8.19
N GLN A 61 -10.95 9.79 -8.91
CA GLN A 61 -10.87 11.05 -9.62
C GLN A 61 -12.14 11.84 -9.33
N PRO A 62 -12.14 12.60 -8.23
CA PRO A 62 -13.29 13.43 -7.82
C PRO A 62 -13.76 14.41 -8.89
N VAL A 63 -15.03 14.31 -9.24
CA VAL A 63 -15.65 15.20 -10.19
C VAL A 63 -16.32 16.21 -9.25
N SER A 64 -16.85 15.71 -8.13
CA SER A 64 -17.53 16.52 -7.11
C SER A 64 -17.74 15.75 -5.81
N TYR A 65 -18.40 16.41 -4.86
CA TYR A 65 -18.70 15.80 -3.58
C TYR A 65 -20.15 15.27 -3.44
N ILE A 66 -20.96 15.53 -4.46
CA ILE A 66 -22.36 15.11 -4.55
C ILE A 66 -22.36 13.62 -4.21
N ILE A 67 -23.07 13.26 -3.16
CA ILE A 67 -23.08 11.89 -2.67
C ILE A 67 -23.82 10.84 -3.49
N ASN A 68 -23.63 10.82 -4.80
CA ASN A 68 -24.28 9.80 -5.62
C ASN A 68 -23.24 8.97 -6.36
N THR A 69 -22.96 7.78 -5.84
CA THR A 69 -21.97 6.90 -6.45
C THR A 69 -22.53 5.64 -7.09
N ARG A 70 -21.63 4.81 -7.61
CA ARG A 70 -22.04 3.54 -8.23
C ARG A 70 -22.53 2.59 -7.16
N SER A 71 -22.35 3.00 -5.90
CA SER A 71 -22.79 2.21 -4.77
C SER A 71 -24.12 2.77 -4.29
N GLY A 72 -24.51 3.92 -4.84
CA GLY A 72 -25.79 4.50 -4.45
C GLY A 72 -25.79 5.97 -4.10
N ASN A 73 -26.98 6.55 -4.11
CA ASN A 73 -27.16 7.95 -3.80
C ASN A 73 -27.24 8.14 -2.31
N GLU A 74 -27.46 9.38 -1.88
CA GLU A 74 -27.56 9.65 -0.47
C GLU A 74 -28.60 8.82 0.27
N SER A 75 -29.84 8.77 -0.23
CA SER A 75 -30.92 7.98 0.41
C SER A 75 -30.42 6.67 0.97
N ALA A 76 -29.83 5.85 0.09
CA ALA A 76 -29.27 4.55 0.47
C ALA A 76 -28.08 4.71 1.42
N PHE A 77 -27.26 5.74 1.18
CA PHE A 77 -26.10 6.01 2.01
C PHE A 77 -26.56 6.26 3.43
N THR A 78 -27.41 7.28 3.59
CA THR A 78 -27.98 7.69 4.88
C THR A 78 -28.52 6.46 5.56
N ASP A 79 -29.27 5.68 4.80
CA ASP A 79 -29.87 4.45 5.29
C ASP A 79 -28.75 3.52 5.77
N MET A 80 -27.72 3.36 4.92
CA MET A 80 -26.56 2.50 5.20
C MET A 80 -25.89 2.92 6.50
N THR A 81 -25.83 4.21 6.79
CA THR A 81 -25.22 4.63 8.04
C THR A 81 -26.19 4.29 9.20
N ARG A 82 -27.49 4.49 8.99
CA ARG A 82 -28.48 4.24 10.04
C ARG A 82 -28.66 2.76 10.45
N ARG A 83 -28.56 1.84 9.50
CA ARG A 83 -28.69 0.40 9.81
C ARG A 83 -27.37 -0.10 10.38
N CYS A 84 -26.35 0.01 9.54
CA CYS A 84 -24.97 -0.37 9.82
C CYS A 84 -24.42 0.16 11.15
N ASN A 85 -24.71 1.42 11.46
CA ASN A 85 -24.20 2.02 12.70
C ASN A 85 -24.91 1.47 13.93
N ASP A 86 -26.20 1.17 13.77
CA ASP A 86 -26.98 0.61 14.86
C ASP A 86 -26.49 -0.81 15.13
N ALA A 87 -26.02 -1.46 14.08
CA ALA A 87 -25.51 -2.81 14.22
C ALA A 87 -24.17 -2.81 14.92
N GLY A 88 -23.58 -1.63 15.07
CA GLY A 88 -22.29 -1.50 15.69
C GLY A 88 -21.22 -1.37 14.62
N VAL A 89 -21.56 -1.66 13.37
CA VAL A 89 -20.58 -1.57 12.29
C VAL A 89 -20.27 -0.14 11.91
N ARG A 90 -19.13 0.35 12.38
CA ARG A 90 -18.67 1.69 12.09
C ARG A 90 -18.32 1.88 10.61
N ILE A 91 -18.69 3.00 10.01
CA ILE A 91 -18.37 3.24 8.59
C ILE A 91 -17.17 4.19 8.46
N TYR A 92 -16.26 3.87 7.55
CA TYR A 92 -15.06 4.68 7.36
C TYR A 92 -14.85 5.06 5.92
N VAL A 93 -15.19 6.30 5.62
CA VAL A 93 -15.10 6.83 4.27
C VAL A 93 -13.68 7.06 3.73
N ASP A 94 -13.51 6.72 2.46
CA ASP A 94 -12.24 6.89 1.77
C ASP A 94 -12.26 8.34 1.30
N ALA A 95 -11.53 9.24 1.97
CA ALA A 95 -11.54 10.65 1.56
C ALA A 95 -10.46 11.03 0.57
N VAL A 96 -10.84 11.17 -0.71
CA VAL A 96 -9.90 11.53 -1.76
C VAL A 96 -9.89 13.03 -1.86
N ILE A 97 -9.05 13.69 -1.08
CA ILE A 97 -9.00 15.15 -1.09
C ILE A 97 -7.68 15.83 -1.44
N ASN A 98 -7.00 15.36 -2.48
CA ASN A 98 -5.76 16.01 -2.90
C ASN A 98 -5.85 16.51 -4.33
N HIS A 99 -6.75 15.90 -5.10
CA HIS A 99 -6.91 16.23 -6.50
C HIS A 99 -8.34 16.00 -6.95
N MET A 100 -8.53 16.10 -8.26
CA MET A 100 -9.82 15.89 -8.88
C MET A 100 -9.62 14.83 -9.98
N THR A 101 -9.41 15.29 -11.22
CA THR A 101 -9.24 14.38 -12.35
C THR A 101 -8.11 14.80 -13.33
N GLY A 102 -7.67 13.81 -14.13
CA GLY A 102 -6.63 13.98 -15.13
C GLY A 102 -7.04 13.30 -16.44
N MET A 103 -7.90 13.85 -17.21
CA MET A 103 -8.73 13.35 -18.33
C MET A 103 -9.99 14.19 -18.34
N ASN A 104 -10.88 14.02 -19.30
CA ASN A 104 -12.02 14.94 -19.28
C ASN A 104 -13.48 14.42 -19.13
N GLY A 105 -14.08 15.42 -18.58
CA GLY A 105 -15.44 15.78 -18.22
C GLY A 105 -16.59 14.88 -17.77
N VAL A 106 -16.55 13.51 -17.75
CA VAL A 106 -17.82 12.67 -17.37
C VAL A 106 -18.02 12.32 -15.87
N GLY A 107 -18.74 13.18 -15.14
CA GLY A 107 -19.00 12.99 -13.67
C GLY A 107 -20.14 11.96 -13.39
N THR A 108 -19.87 11.03 -12.49
CA THR A 108 -20.83 9.94 -12.16
C THR A 108 -22.24 10.40 -11.72
N SER A 109 -22.41 11.69 -11.48
CA SER A 109 -23.72 12.25 -11.11
C SER A 109 -24.03 13.45 -12.00
N GLY A 110 -23.86 13.20 -13.27
CA GLY A 110 -24.13 14.16 -14.35
C GLY A 110 -23.22 15.42 -14.35
N SER A 111 -22.44 15.61 -13.33
CA SER A 111 -21.56 16.80 -13.30
C SER A 111 -20.41 16.61 -14.30
N SER A 112 -20.15 17.70 -15.02
CA SER A 112 -19.03 17.73 -15.97
C SER A 112 -17.74 17.93 -15.21
N ALA A 113 -16.67 17.99 -15.96
CA ALA A 113 -15.35 18.19 -15.41
C ALA A 113 -14.40 18.61 -16.52
N ASP A 114 -14.16 19.91 -16.56
CA ASP A 114 -13.26 20.50 -17.56
C ASP A 114 -11.83 20.48 -17.05
N HIS A 115 -11.18 19.37 -17.31
CA HIS A 115 -9.79 19.15 -16.89
C HIS A 115 -8.86 20.25 -17.40
N ASP A 116 -8.92 20.45 -18.70
CA ASP A 116 -8.08 21.44 -19.39
C ASP A 116 -8.15 22.82 -18.72
N GLY A 117 -9.34 23.36 -18.63
CA GLY A 117 -9.55 24.69 -18.04
C GLY A 117 -9.58 24.69 -16.50
N MET A 118 -9.36 23.52 -15.92
CA MET A 118 -9.38 23.35 -14.45
C MET A 118 -10.74 23.80 -13.88
N ASN A 119 -11.80 23.23 -14.43
CA ASN A 119 -13.16 23.58 -13.98
C ASN A 119 -13.96 22.35 -13.51
N TYR A 120 -14.53 22.55 -12.35
CA TYR A 120 -15.39 21.61 -11.66
C TYR A 120 -16.47 22.45 -11.06
N PRO A 121 -17.55 22.68 -11.84
CA PRO A 121 -18.72 23.48 -11.43
C PRO A 121 -19.54 22.89 -10.29
N ALA A 122 -19.66 21.58 -10.26
CA ALA A 122 -20.46 20.87 -9.23
C ALA A 122 -20.11 21.35 -7.83
N VAL A 123 -18.82 21.70 -7.67
CA VAL A 123 -18.41 22.25 -6.63
C VAL A 123 -18.85 23.59 -6.10
N PRO A 124 -18.33 24.69 -6.75
CA PRO A 124 -17.46 24.86 -7.86
C PRO A 124 -15.96 24.83 -7.55
N TYR A 125 -15.17 24.73 -8.51
CA TYR A 125 -13.70 24.66 -8.46
C TYR A 125 -13.10 25.18 -9.78
N GLY A 126 -12.16 26.10 -9.66
CA GLY A 126 -11.48 26.71 -10.83
C GLY A 126 -9.99 26.82 -10.53
N SER A 127 -9.26 27.22 -11.55
CA SER A 127 -7.78 27.37 -11.53
C SER A 127 -7.21 27.93 -10.19
N GLY A 128 -7.75 29.03 -9.71
CA GLY A 128 -7.25 29.64 -8.45
C GLY A 128 -7.18 28.61 -7.29
N ASP A 129 -8.15 27.73 -7.31
CA ASP A 129 -8.31 26.68 -6.30
C ASP A 129 -7.23 25.61 -6.40
N PHE A 130 -6.50 25.55 -7.50
CA PHE A 130 -5.47 24.53 -7.66
C PHE A 130 -4.04 25.08 -7.47
N HIS A 131 -3.12 24.18 -7.19
CA HIS A 131 -1.71 24.53 -7.05
C HIS A 131 -1.31 24.88 -8.48
N SER A 132 -0.15 25.47 -8.69
CA SER A 132 0.28 25.78 -10.06
C SER A 132 0.65 24.49 -10.80
N PRO A 133 0.31 24.38 -12.09
CA PRO A 133 0.73 23.08 -12.65
C PRO A 133 2.24 22.81 -12.83
N CYS A 134 2.57 21.55 -12.58
CA CYS A 134 3.90 20.94 -12.61
C CYS A 134 3.57 19.47 -12.29
N GLU A 135 4.52 18.56 -12.31
CA GLU A 135 4.20 17.14 -12.00
C GLU A 135 5.17 16.48 -11.02
N VAL A 136 4.87 15.26 -10.62
CA VAL A 136 5.71 14.52 -9.65
C VAL A 136 7.04 13.99 -10.21
N ASN A 137 8.09 14.79 -10.04
CA ASN A 137 9.41 14.42 -10.53
C ASN A 137 10.12 13.50 -9.56
N ASN A 138 10.83 14.13 -8.62
CA ASN A 138 11.62 13.41 -7.65
C ASN A 138 10.89 13.24 -6.32
N TYR A 139 10.76 11.98 -5.88
CA TYR A 139 10.17 11.69 -4.58
C TYR A 139 11.23 12.04 -3.53
N GLN A 140 12.32 12.65 -4.01
CA GLN A 140 13.39 13.10 -3.15
C GLN A 140 13.15 14.58 -2.83
N ASP A 141 12.27 15.22 -3.65
CA ASP A 141 11.95 16.63 -3.35
C ASP A 141 10.56 16.72 -2.72
N ALA A 142 10.60 17.06 -1.46
CA ALA A 142 9.41 17.18 -0.60
C ALA A 142 8.22 18.00 -1.17
N ASP A 143 8.41 19.24 -1.63
CA ASP A 143 7.22 19.99 -2.08
C ASP A 143 6.76 19.58 -3.47
N ASN A 144 7.65 18.96 -4.21
CA ASN A 144 7.32 18.52 -5.59
C ASN A 144 6.20 17.45 -5.63
N VAL A 145 6.29 16.49 -4.74
CA VAL A 145 5.32 15.38 -4.66
C VAL A 145 4.01 15.85 -4.04
N ARG A 146 4.13 16.81 -3.16
CA ARG A 146 2.98 17.38 -2.46
C ARG A 146 2.26 18.44 -3.31
N ASN A 147 3.04 19.33 -3.87
CA ASN A 147 2.52 20.47 -4.64
C ASN A 147 2.38 20.25 -6.17
N CYS A 148 2.73 19.12 -6.72
CA CYS A 148 2.55 18.94 -8.20
C CYS A 148 1.47 17.90 -8.49
N GLU A 149 1.22 17.66 -9.78
CA GLU A 149 0.17 16.73 -10.18
C GLU A 149 0.52 15.24 -10.20
N LEU A 150 0.11 14.55 -9.15
CA LEU A 150 0.35 13.11 -9.05
C LEU A 150 -0.36 12.44 -10.21
N VAL A 151 0.40 12.00 -11.20
CA VAL A 151 -0.19 11.33 -12.35
C VAL A 151 -1.16 12.29 -13.04
N GLY A 152 -0.61 13.33 -13.64
CA GLY A 152 -1.40 14.33 -14.35
C GLY A 152 -2.78 14.61 -13.77
N LEU A 153 -2.91 14.45 -12.45
CA LEU A 153 -4.18 14.66 -11.75
C LEU A 153 -4.17 16.05 -11.15
N ARG A 154 -5.15 16.88 -11.52
CA ARG A 154 -5.23 18.26 -11.02
C ARG A 154 -5.19 18.39 -9.49
N ASP A 155 -4.03 18.82 -9.04
CA ASP A 155 -3.68 18.99 -7.63
C ASP A 155 -4.39 20.17 -6.94
N LEU A 156 -5.32 19.89 -6.03
CA LEU A 156 -6.01 20.97 -5.31
C LEU A 156 -5.02 21.54 -4.31
N ASN A 157 -5.26 22.81 -3.98
CA ASN A 157 -4.44 23.50 -3.01
C ASN A 157 -5.14 23.53 -1.66
N ALA A 158 -4.81 22.59 -0.78
CA ALA A 158 -5.41 22.55 0.53
C ALA A 158 -4.91 23.69 1.41
N GLY A 159 -4.18 24.63 0.80
CA GLY A 159 -3.66 25.78 1.53
C GLY A 159 -4.65 26.94 1.55
N SER A 160 -5.53 27.02 0.56
CA SER A 160 -6.52 28.10 0.48
C SER A 160 -7.70 27.97 1.43
N ASP A 161 -8.30 29.10 1.80
CA ASP A 161 -9.45 29.10 2.70
C ASP A 161 -10.69 28.52 2.01
N TYR A 162 -10.86 28.82 0.73
CA TYR A 162 -11.99 28.32 -0.01
C TYR A 162 -11.88 26.80 -0.05
N VAL A 163 -10.75 26.29 -0.56
CA VAL A 163 -10.54 24.84 -0.66
C VAL A 163 -10.62 24.11 0.67
N ARG A 164 -10.03 24.69 1.71
CA ARG A 164 -10.09 24.06 3.03
C ARG A 164 -11.56 24.06 3.41
N GLY A 165 -12.24 25.17 3.11
CA GLY A 165 -13.64 25.27 3.40
C GLY A 165 -14.44 24.13 2.78
N VAL A 166 -14.30 23.91 1.47
CA VAL A 166 -15.06 22.86 0.81
C VAL A 166 -14.81 21.48 1.39
N LEU A 167 -13.53 21.07 1.44
CA LEU A 167 -13.17 19.76 1.98
C LEU A 167 -13.79 19.60 3.33
N ILE A 168 -13.57 20.59 4.20
CA ILE A 168 -14.14 20.54 5.53
C ILE A 168 -15.65 20.26 5.45
N ASP A 169 -16.37 21.00 4.60
CA ASP A 169 -17.82 20.79 4.47
C ASP A 169 -18.13 19.35 4.09
N TYR A 170 -17.34 18.80 3.18
CA TYR A 170 -17.53 17.44 2.72
C TYR A 170 -17.42 16.42 3.85
N MET A 171 -16.31 16.49 4.56
CA MET A 171 -16.05 15.55 5.64
C MET A 171 -17.12 15.68 6.71
N ASN A 172 -17.32 16.87 7.21
CA ASN A 172 -18.32 17.14 8.25
C ASN A 172 -19.70 16.63 7.81
N HIS A 173 -19.99 16.86 6.54
CA HIS A 173 -21.25 16.42 5.96
C HIS A 173 -21.35 14.92 6.26
N MET A 174 -20.26 14.22 6.01
CA MET A 174 -20.19 12.78 6.24
C MET A 174 -20.30 12.51 7.75
N ILE A 175 -19.63 13.33 8.55
CA ILE A 175 -19.68 13.19 10.00
C ILE A 175 -21.12 13.37 10.46
N ASP A 176 -21.86 14.20 9.74
CA ASP A 176 -23.26 14.42 10.07
C ASP A 176 -24.01 13.14 9.76
N LEU A 177 -23.71 12.58 8.60
CA LEU A 177 -24.38 11.35 8.15
C LEU A 177 -24.01 10.17 9.05
N GLY A 178 -22.91 10.24 9.79
CA GLY A 178 -22.65 9.15 10.75
C GLY A 178 -21.23 8.69 10.84
N VAL A 179 -20.50 8.75 9.76
CA VAL A 179 -19.15 8.17 9.74
C VAL A 179 -18.29 8.58 10.92
N ALA A 180 -17.35 7.72 11.26
CA ALA A 180 -16.45 7.99 12.38
C ALA A 180 -15.02 8.17 11.94
N GLY A 181 -14.72 7.89 10.67
CA GLY A 181 -13.34 8.02 10.24
C GLY A 181 -13.11 8.24 8.77
N PHE A 182 -11.84 8.43 8.41
CA PHE A 182 -11.51 8.71 7.04
C PHE A 182 -10.29 8.28 6.67
N ARG A 183 -10.11 7.52 5.60
CA ARG A 183 -8.97 6.67 5.15
C ARG A 183 -8.61 7.84 4.20
N VAL A 184 -7.71 8.71 4.65
CA VAL A 184 -7.29 9.86 3.84
C VAL A 184 -6.53 9.39 2.60
N ASP A 185 -7.00 9.73 1.42
CA ASP A 185 -6.34 9.27 0.22
C ASP A 185 -5.07 10.02 -0.15
N ALA A 186 -3.95 9.31 -0.13
CA ALA A 186 -2.65 9.88 -0.48
C ALA A 186 -2.25 11.09 0.34
N ALA A 187 -1.91 10.85 1.60
CA ALA A 187 -1.51 11.93 2.49
C ALA A 187 -0.11 12.42 2.08
N LYS A 188 0.70 11.50 1.58
CA LYS A 188 2.05 11.86 1.16
C LYS A 188 2.09 12.99 0.12
N HIS A 189 0.99 13.19 -0.60
CA HIS A 189 0.95 14.24 -1.59
C HIS A 189 0.25 15.49 -1.12
N MET A 190 0.26 15.72 0.19
CA MET A 190 -0.41 16.89 0.75
C MET A 190 0.39 17.46 1.91
N SER A 191 0.45 18.80 2.01
CA SER A 191 1.22 19.42 3.10
C SER A 191 0.52 19.13 4.44
N PRO A 192 1.20 18.49 5.40
CA PRO A 192 0.61 18.19 6.69
C PRO A 192 0.22 19.46 7.39
N GLY A 193 0.79 20.49 6.96
CA GLY A 193 0.54 21.80 7.54
C GLY A 193 -0.95 22.18 7.55
N ASP A 194 -1.64 22.00 6.45
CA ASP A 194 -3.07 22.34 6.43
C ASP A 194 -3.90 21.05 6.54
N LEU A 195 -3.22 19.93 6.46
CA LEU A 195 -3.86 18.62 6.60
C LEU A 195 -4.49 18.54 7.99
N SER A 196 -3.93 19.33 8.89
CA SER A 196 -4.38 19.40 10.28
C SER A 196 -5.57 20.35 10.39
N VAL A 197 -5.42 21.54 9.85
CA VAL A 197 -6.47 22.55 9.87
C VAL A 197 -7.74 21.92 9.29
N ILE A 198 -7.59 21.11 8.25
CA ILE A 198 -8.77 20.44 7.70
C ILE A 198 -9.24 19.40 8.72
N PHE A 199 -8.31 18.68 9.33
CA PHE A 199 -8.69 17.68 10.33
C PHE A 199 -9.21 18.31 11.65
N ASP A 200 -9.40 19.63 11.64
CA ASP A 200 -9.87 20.36 12.81
C ASP A 200 -11.30 20.87 12.66
N GLY A 201 -11.60 21.45 11.50
CA GLY A 201 -12.95 21.94 11.27
C GLY A 201 -13.93 20.81 11.51
N LEU A 202 -13.46 19.58 11.30
CA LEU A 202 -14.27 18.41 11.53
C LEU A 202 -14.82 18.54 12.94
N LYS A 203 -16.12 18.68 13.07
CA LYS A 203 -16.72 18.81 14.38
C LYS A 203 -16.93 17.43 14.97
N ASN A 204 -16.92 17.34 16.29
CA ASN A 204 -17.10 16.07 16.97
C ASN A 204 -18.22 15.28 16.36
N LEU A 205 -18.16 13.97 16.52
CA LEU A 205 -19.15 13.06 15.96
C LEU A 205 -20.63 13.40 16.19
N ASN A 206 -21.48 12.90 15.31
CA ASN A 206 -22.90 13.16 15.45
C ASN A 206 -23.43 12.39 16.65
N THR A 207 -23.69 13.12 17.73
CA THR A 207 -24.19 12.53 18.98
C THR A 207 -25.28 11.48 18.72
N ASP A 208 -26.26 11.84 17.89
CA ASP A 208 -27.39 10.98 17.57
C ASP A 208 -27.20 9.58 16.97
N TYR A 209 -25.94 9.17 16.78
CA TYR A 209 -25.65 7.85 16.21
C TYR A 209 -25.23 6.82 17.24
N GLY A 210 -24.74 7.28 18.40
CA GLY A 210 -24.34 6.37 19.45
C GLY A 210 -22.99 6.69 20.06
N PHE A 211 -22.26 7.58 19.38
CA PHE A 211 -20.92 8.00 19.80
C PHE A 211 -20.79 8.65 21.17
N ALA A 212 -19.71 8.31 21.86
CA ALA A 212 -19.44 8.87 23.18
C ALA A 212 -19.19 10.38 23.12
N ASP A 213 -20.19 11.17 23.54
CA ASP A 213 -20.12 12.64 23.56
C ASP A 213 -18.77 13.33 23.32
N GLY A 214 -18.73 14.16 22.30
CA GLY A 214 -17.51 14.91 22.01
C GLY A 214 -16.37 14.07 21.50
N ALA A 215 -16.66 12.85 21.04
CA ALA A 215 -15.59 12.03 20.50
C ALA A 215 -15.28 12.50 19.08
N ARG A 216 -13.97 12.71 18.83
CA ARG A 216 -13.41 13.18 17.56
C ARG A 216 -13.37 12.04 16.52
N PRO A 217 -13.35 12.37 15.22
CA PRO A 217 -13.33 11.39 14.14
C PRO A 217 -11.99 10.67 13.95
N PHE A 218 -12.04 9.36 13.95
CA PHE A 218 -10.87 8.53 13.70
C PHE A 218 -10.30 8.94 12.38
N ILE A 219 -9.03 9.26 12.35
CA ILE A 219 -8.39 9.67 11.10
C ILE A 219 -7.16 8.83 10.84
N TYR A 220 -7.22 7.98 9.82
CA TYR A 220 -6.04 7.17 9.45
C TYR A 220 -5.70 7.58 8.02
N GLN A 221 -4.40 7.60 7.70
CA GLN A 221 -3.96 8.11 6.38
C GLN A 221 -3.15 7.14 5.51
N GLU A 222 -3.18 7.42 4.20
CA GLU A 222 -2.44 6.63 3.20
C GLU A 222 -1.09 7.30 2.96
N VAL A 223 -0.04 6.62 3.38
CA VAL A 223 1.31 7.14 3.20
C VAL A 223 2.22 5.94 3.03
N ILE A 224 2.65 5.69 1.81
CA ILE A 224 3.56 4.60 1.54
C ILE A 224 4.94 5.13 1.92
N ASP A 225 5.60 4.48 2.87
CA ASP A 225 6.90 4.95 3.30
C ASP A 225 7.74 3.79 3.74
N LEU A 226 8.52 3.28 2.79
CA LEU A 226 9.41 2.16 3.06
C LEU A 226 10.85 2.68 2.94
N GLY A 227 11.11 3.83 3.56
CA GLY A 227 12.44 4.44 3.55
C GLY A 227 12.91 5.09 2.25
N GLY A 228 14.03 5.80 2.34
CA GLY A 228 14.64 6.44 1.18
C GLY A 228 14.09 7.79 0.76
N GLU A 229 12.78 7.85 0.59
CA GLU A 229 12.09 9.07 0.18
C GLU A 229 12.24 10.22 1.13
N ALA A 230 12.05 11.43 0.59
CA ALA A 230 12.17 12.65 1.37
C ALA A 230 10.97 12.85 2.28
N ILE A 231 9.94 12.04 2.10
CA ILE A 231 8.74 12.14 2.90
C ILE A 231 8.70 11.03 3.90
N SER A 232 8.23 11.33 5.11
CA SER A 232 8.11 10.34 6.17
C SER A 232 6.69 10.25 6.70
N LYS A 233 6.31 9.05 7.09
CA LYS A 233 4.99 8.79 7.67
C LYS A 233 4.85 9.54 8.99
N ASN A 234 5.94 9.66 9.74
CA ASN A 234 5.94 10.35 11.03
C ASN A 234 5.50 11.80 10.96
N GLU A 235 5.61 12.40 9.78
CA GLU A 235 5.22 13.78 9.59
C GLU A 235 3.68 13.88 9.70
N TYR A 236 2.99 12.74 9.59
CA TYR A 236 1.53 12.70 9.67
C TYR A 236 1.09 11.89 10.89
N THR A 237 1.89 11.93 11.94
CA THR A 237 1.60 11.17 13.15
C THR A 237 1.02 12.03 14.27
N GLY A 238 1.52 13.25 14.38
CA GLY A 238 1.05 14.15 15.42
C GLY A 238 -0.42 14.52 15.38
N PHE A 239 -1.17 13.99 14.41
CA PHE A 239 -2.59 14.32 14.27
C PHE A 239 -3.43 13.27 13.59
N GLY A 240 -2.99 12.02 13.62
CA GLY A 240 -3.75 10.97 12.98
C GLY A 240 -2.96 9.72 12.74
N CYS A 241 -3.66 8.61 12.57
CA CYS A 241 -3.04 7.33 12.34
C CYS A 241 -2.61 7.23 10.87
N VAL A 242 -1.63 6.37 10.59
CA VAL A 242 -1.19 6.16 9.21
C VAL A 242 -1.28 4.66 8.87
N LEU A 243 -1.42 4.32 7.59
CA LEU A 243 -1.52 2.93 7.14
C LEU A 243 -0.13 2.30 7.01
N GLU A 244 0.28 1.48 7.98
CA GLU A 244 1.61 0.87 7.95
C GLU A 244 1.82 0.02 6.70
N PHE A 245 2.71 0.45 5.81
CA PHE A 245 2.97 -0.27 4.58
C PHE A 245 4.08 -1.27 4.62
N GLN A 246 4.91 -1.22 5.65
CA GLN A 246 6.02 -2.14 5.81
C GLN A 246 5.43 -3.45 6.34
N PHE A 247 4.41 -3.31 7.17
CA PHE A 247 3.71 -4.43 7.79
C PHE A 247 3.42 -5.46 6.74
N GLY A 248 2.79 -5.03 5.66
CA GLY A 248 2.45 -5.97 4.61
C GLY A 248 3.67 -6.60 3.99
N VAL A 249 4.66 -5.78 3.61
CA VAL A 249 5.86 -6.28 2.99
C VAL A 249 6.59 -7.28 3.89
N SER A 250 7.09 -6.82 5.04
CA SER A 250 7.83 -7.67 5.96
C SER A 250 7.10 -8.95 6.35
N LEU A 251 5.99 -8.81 7.06
CA LEU A 251 5.19 -9.95 7.50
C LEU A 251 4.73 -10.79 6.31
N GLY A 252 4.65 -10.14 5.14
CA GLY A 252 4.22 -10.82 3.93
C GLY A 252 5.34 -11.69 3.43
N ASN A 253 6.54 -11.12 3.43
CA ASN A 253 7.75 -11.81 3.01
C ASN A 253 7.96 -12.98 3.94
N ALA A 254 7.75 -12.70 5.22
CA ALA A 254 7.92 -13.69 6.26
C ALA A 254 7.19 -14.96 5.87
N PHE A 255 5.87 -14.91 5.84
CA PHE A 255 5.04 -16.07 5.50
C PHE A 255 5.18 -16.56 4.06
N GLN A 256 5.63 -15.71 3.15
CA GLN A 256 5.80 -16.11 1.75
C GLN A 256 6.88 -17.18 1.67
N GLY A 257 7.67 -17.26 2.74
CA GLY A 257 8.76 -18.22 2.81
C GLY A 257 10.06 -17.46 2.75
N GLY A 258 9.98 -16.13 2.65
CA GLY A 258 11.16 -15.31 2.57
C GLY A 258 11.79 -14.93 3.89
N ASN A 259 11.31 -15.50 4.99
CA ASN A 259 11.89 -15.21 6.29
C ASN A 259 11.43 -16.19 7.37
N GLN A 260 12.35 -16.50 8.27
CA GLN A 260 12.07 -17.42 9.37
C GLN A 260 11.01 -16.84 10.29
N LEU A 261 9.90 -17.56 10.44
CA LEU A 261 8.82 -17.10 11.32
C LEU A 261 9.40 -16.90 12.72
N LYS A 262 10.48 -17.59 13.03
CA LYS A 262 11.12 -17.46 14.33
C LYS A 262 11.50 -16.01 14.61
N ASN A 263 11.70 -15.22 13.55
CA ASN A 263 12.10 -13.83 13.69
C ASN A 263 11.01 -12.85 14.12
N LEU A 264 9.76 -13.28 14.08
CA LEU A 264 8.67 -12.41 14.45
C LEU A 264 8.46 -12.20 15.95
N ALA A 265 9.41 -12.63 16.77
CA ALA A 265 9.28 -12.51 18.22
C ALA A 265 9.28 -11.07 18.64
N ASN A 266 10.14 -10.30 18.02
CA ASN A 266 10.22 -8.90 18.34
C ASN A 266 9.38 -8.14 17.32
N TRP A 267 8.38 -8.83 16.78
CA TRP A 267 7.49 -8.22 15.80
C TRP A 267 6.93 -6.96 16.45
N GLY A 268 7.10 -5.86 15.76
CA GLY A 268 6.61 -4.60 16.28
C GLY A 268 7.53 -3.51 15.84
N PRO A 269 7.57 -2.38 16.56
CA PRO A 269 8.38 -1.19 16.29
C PRO A 269 9.79 -1.49 15.80
N GLU A 270 10.34 -2.62 16.21
CA GLU A 270 11.69 -2.99 15.81
C GLU A 270 11.81 -3.47 14.37
N TRP A 271 10.89 -3.07 13.53
CA TRP A 271 10.93 -3.47 12.13
C TRP A 271 10.69 -2.27 11.22
N GLY A 272 10.77 -1.07 11.79
CA GLY A 272 10.54 0.13 11.01
C GLY A 272 9.03 0.28 10.89
N LEU A 273 8.37 0.31 12.04
CA LEU A 273 6.93 0.44 12.11
C LEU A 273 6.72 1.35 13.32
N LEU A 274 5.83 2.34 13.19
CA LEU A 274 5.55 3.27 14.30
C LEU A 274 4.88 2.63 15.51
N GLU A 275 4.74 3.41 16.59
CA GLU A 275 4.14 2.93 17.84
C GLU A 275 2.86 2.18 17.55
N GLY A 276 2.66 1.07 18.25
CA GLY A 276 1.48 0.25 18.07
C GLY A 276 0.22 1.04 17.79
N LEU A 277 -0.19 1.87 18.75
CA LEU A 277 -1.42 2.68 18.62
C LEU A 277 -1.38 3.82 17.62
N ASP A 278 -0.47 3.73 16.67
CA ASP A 278 -0.34 4.78 15.66
C ASP A 278 -0.68 4.27 14.27
N ALA A 279 -0.81 2.97 14.13
CA ALA A 279 -1.01 2.46 12.78
C ALA A 279 -2.34 1.69 12.60
N VAL A 280 -2.70 1.57 11.36
CA VAL A 280 -3.83 0.78 10.91
C VAL A 280 -3.09 -0.25 10.09
N VAL A 281 -2.97 -1.42 10.56
CA VAL A 281 -2.23 -2.43 9.81
C VAL A 281 -3.18 -3.22 8.90
N PHE A 282 -2.60 -3.82 7.88
CA PHE A 282 -3.34 -4.60 6.89
C PHE A 282 -2.37 -5.46 6.08
N VAL A 283 -2.83 -6.59 5.49
CA VAL A 283 -1.93 -7.42 4.70
C VAL A 283 -1.89 -6.85 3.26
N ASP A 284 -2.80 -7.32 2.42
CA ASP A 284 -2.90 -6.80 1.06
C ASP A 284 -3.79 -5.55 1.15
N ASN A 285 -3.89 -4.80 0.06
CA ASN A 285 -4.75 -3.61 0.03
C ASN A 285 -5.25 -3.45 -1.40
N HIS A 286 -6.46 -2.93 -1.54
CA HIS A 286 -7.07 -2.78 -2.85
C HIS A 286 -6.07 -2.50 -3.96
N ASP A 287 -5.18 -1.54 -3.73
CA ASP A 287 -4.19 -1.16 -4.73
C ASP A 287 -3.07 -2.20 -4.92
N ASN A 288 -2.22 -2.35 -3.91
CA ASN A 288 -1.06 -3.26 -3.96
C ASN A 288 -1.37 -4.75 -4.04
N GLN A 289 -2.63 -5.13 -4.16
CA GLN A 289 -2.94 -6.54 -4.30
C GLN A 289 -2.84 -6.82 -5.79
N ARG A 290 -2.60 -5.75 -6.54
CA ARG A 290 -2.46 -5.82 -7.97
C ARG A 290 -1.02 -6.18 -8.28
N THR A 291 -0.07 -5.79 -7.42
CA THR A 291 1.33 -6.12 -7.67
C THR A 291 1.45 -7.59 -7.57
N GLY A 292 2.42 -8.19 -8.27
CA GLY A 292 2.43 -9.62 -8.15
C GLY A 292 3.59 -10.44 -8.73
N GLY A 293 4.25 -10.98 -7.74
CA GLY A 293 5.28 -11.99 -7.79
C GLY A 293 5.53 -11.75 -6.29
N SER A 294 6.59 -12.31 -5.70
CA SER A 294 6.96 -11.86 -4.32
C SER A 294 6.14 -11.63 -3.02
N GLN A 295 6.64 -10.67 -2.21
CA GLN A 295 6.19 -10.21 -0.87
C GLN A 295 4.74 -10.11 -0.45
N ILE A 296 3.89 -9.55 -1.31
CA ILE A 296 2.48 -9.37 -0.99
C ILE A 296 1.63 -10.62 -1.06
N LEU A 297 0.85 -10.86 -0.02
CA LEU A 297 -0.02 -12.02 -0.03
C LEU A 297 -1.45 -11.60 -0.30
N THR A 298 -2.07 -12.18 -1.33
CA THR A 298 -3.46 -11.88 -1.64
C THR A 298 -4.16 -13.23 -1.51
N TYR A 299 -5.48 -13.24 -1.68
CA TYR A 299 -6.23 -14.48 -1.58
C TYR A 299 -5.78 -15.46 -2.67
N LYS A 300 -5.12 -14.94 -3.71
CA LYS A 300 -4.59 -15.75 -4.81
C LYS A 300 -3.71 -16.87 -4.26
N ASN A 301 -3.01 -16.59 -3.16
CA ASN A 301 -2.18 -17.58 -2.49
C ASN A 301 -2.75 -17.59 -1.07
N PRO A 302 -3.84 -18.36 -0.85
CA PRO A 302 -4.59 -18.53 0.40
C PRO A 302 -3.90 -18.91 1.69
N LYS A 303 -3.45 -20.16 1.77
CA LYS A 303 -2.84 -20.69 2.99
C LYS A 303 -1.93 -19.76 3.83
N PRO A 304 -0.76 -19.38 3.30
CA PRO A 304 0.10 -18.51 4.11
C PRO A 304 -0.54 -17.15 4.41
N TYR A 305 -1.42 -16.73 3.51
CA TYR A 305 -2.16 -15.49 3.63
C TYR A 305 -3.02 -15.52 4.89
N LYS A 306 -3.76 -16.60 5.09
CA LYS A 306 -4.59 -16.73 6.28
C LYS A 306 -3.73 -16.70 7.55
N MET A 307 -2.65 -17.48 7.55
CA MET A 307 -1.72 -17.54 8.67
C MET A 307 -1.25 -16.13 8.91
N ALA A 308 -1.05 -15.41 7.81
CA ALA A 308 -0.60 -14.02 7.89
C ALA A 308 -1.61 -13.12 8.63
N ILE A 309 -2.78 -12.91 8.06
CA ILE A 309 -3.77 -12.08 8.72
C ILE A 309 -4.06 -12.62 10.13
N ALA A 310 -3.83 -13.92 10.33
CA ALA A 310 -4.06 -14.54 11.62
C ALA A 310 -3.04 -13.98 12.59
N PHE A 311 -1.78 -13.98 12.16
CA PHE A 311 -0.71 -13.46 12.98
C PHE A 311 -1.05 -12.00 13.27
N MET A 312 -1.55 -11.32 12.25
CA MET A 312 -1.95 -9.93 12.43
C MET A 312 -2.96 -9.96 13.55
N LEU A 313 -4.19 -10.33 13.20
CA LEU A 313 -5.33 -10.47 14.10
C LEU A 313 -4.95 -10.84 15.54
N ALA A 314 -4.29 -11.98 15.71
CA ALA A 314 -3.86 -12.48 17.01
C ALA A 314 -2.98 -11.46 17.71
N HIS A 315 -1.94 -11.03 17.01
CA HIS A 315 -1.01 -10.06 17.51
C HIS A 315 -1.74 -8.75 17.85
N PRO A 316 -1.31 -8.04 18.90
CA PRO A 316 -1.91 -6.78 19.34
C PRO A 316 -1.68 -5.47 18.53
N TYR A 317 -0.49 -5.30 17.95
CA TYR A 317 -0.09 -4.11 17.17
C TYR A 317 -1.17 -3.38 16.37
N GLY A 318 -1.15 -2.05 16.47
CA GLY A 318 -2.08 -1.18 15.75
C GLY A 318 -3.53 -1.61 15.65
N THR A 319 -4.22 -1.07 14.67
CA THR A 319 -5.62 -1.41 14.47
C THR A 319 -5.65 -2.12 13.12
N THR A 320 -6.44 -3.18 13.03
CA THR A 320 -6.46 -3.95 11.79
C THR A 320 -7.64 -3.72 10.87
N ARG A 321 -7.45 -4.16 9.62
CA ARG A 321 -8.45 -4.03 8.59
C ARG A 321 -8.29 -5.19 7.61
N ILE A 322 -9.30 -6.07 7.57
CA ILE A 322 -9.31 -7.18 6.61
C ILE A 322 -9.83 -6.61 5.29
N MET A 323 -9.62 -7.32 4.21
CA MET A 323 -10.08 -6.82 2.90
C MET A 323 -10.95 -7.87 2.19
N SER A 324 -12.11 -7.41 1.72
CA SER A 324 -13.05 -8.27 0.99
C SER A 324 -13.07 -7.76 -0.46
N SER A 325 -12.14 -8.28 -1.22
CA SER A 325 -11.97 -7.95 -2.64
C SER A 325 -12.93 -8.75 -3.51
N PHE A 326 -12.83 -8.46 -4.78
CA PHE A 326 -13.61 -9.14 -5.80
C PHE A 326 -12.64 -9.78 -6.77
N ASP A 327 -13.01 -10.95 -7.29
CA ASP A 327 -12.14 -11.67 -8.21
C ASP A 327 -11.75 -10.83 -9.41
N PHE A 328 -10.48 -10.90 -9.78
CA PHE A 328 -10.03 -10.14 -10.93
C PHE A 328 -8.98 -10.84 -11.77
N THR A 329 -8.96 -10.56 -13.07
CA THR A 329 -8.03 -11.22 -13.95
C THR A 329 -7.04 -10.26 -14.70
N ASP A 330 -7.43 -8.97 -14.80
CA ASP A 330 -6.66 -7.83 -15.41
C ASP A 330 -6.15 -7.04 -14.18
N ASN A 331 -5.82 -5.76 -14.33
CA ASN A 331 -5.34 -4.91 -13.21
C ASN A 331 -6.25 -3.66 -13.13
N ASP A 332 -7.05 -3.49 -14.18
CA ASP A 332 -7.97 -2.38 -14.37
C ASP A 332 -9.43 -2.86 -14.52
N GLN A 333 -9.65 -4.16 -14.42
CA GLN A 333 -11.00 -4.65 -14.62
C GLN A 333 -11.94 -4.27 -13.49
N GLY A 334 -13.06 -3.71 -13.86
CA GLY A 334 -14.03 -3.14 -12.92
C GLY A 334 -14.78 -4.24 -12.18
N PRO A 335 -15.44 -3.93 -11.06
CA PRO A 335 -16.17 -4.91 -10.33
C PRO A 335 -17.23 -5.44 -11.21
N PRO A 336 -18.16 -6.16 -10.72
CA PRO A 336 -19.23 -6.65 -11.57
C PRO A 336 -19.97 -5.51 -12.28
N GLN A 337 -20.09 -5.75 -13.56
CA GLN A 337 -20.70 -4.86 -14.53
C GLN A 337 -21.78 -5.66 -15.38
N ASP A 338 -22.65 -4.89 -16.05
CA ASP A 338 -23.79 -5.09 -16.97
C ASP A 338 -24.27 -3.72 -17.47
N GLY A 339 -24.10 -3.50 -18.75
CA GLY A 339 -24.50 -2.26 -19.42
C GLY A 339 -24.75 -1.09 -18.42
N SER A 340 -23.83 -1.00 -17.43
CA SER A 340 -23.80 0.06 -16.36
C SER A 340 -24.38 -0.34 -14.99
N GLY A 341 -23.67 -1.08 -14.18
CA GLY A 341 -24.23 -1.43 -12.85
C GLY A 341 -23.42 -2.52 -12.19
N ASN A 342 -23.60 -2.15 -10.92
CA ASN A 342 -23.01 -3.10 -9.97
C ASN A 342 -24.01 -4.21 -9.54
N LEU A 343 -23.46 -5.43 -9.91
CA LEU A 343 -24.19 -6.64 -9.54
C LEU A 343 -23.97 -6.96 -8.09
N ILE A 344 -25.06 -7.29 -7.41
CA ILE A 344 -25.04 -7.67 -5.99
C ILE A 344 -24.12 -8.88 -5.73
N SER A 345 -23.74 -9.03 -4.49
CA SER A 345 -22.88 -10.14 -4.09
C SER A 345 -23.68 -11.04 -3.14
N PRO A 346 -24.69 -11.76 -3.64
CA PRO A 346 -25.34 -12.60 -2.60
C PRO A 346 -24.35 -13.64 -2.15
N GLY A 347 -24.41 -13.93 -0.88
CA GLY A 347 -23.63 -15.04 -0.35
C GLY A 347 -24.59 -16.14 -0.29
N ILE A 348 -24.39 -17.27 -0.98
CA ILE A 348 -25.53 -18.10 -0.85
C ILE A 348 -25.45 -19.45 -0.26
N ASN A 349 -26.73 -20.07 -0.34
CA ASN A 349 -26.71 -21.26 0.24
C ASN A 349 -26.04 -20.85 1.49
N ASP A 350 -25.22 -21.50 1.96
CA ASP A 350 -24.60 -20.95 3.13
C ASP A 350 -23.64 -21.90 3.85
N ASP A 351 -22.45 -21.63 3.46
CA ASP A 351 -21.21 -22.11 4.02
C ASP A 351 -20.65 -20.74 4.35
N ASN A 352 -21.60 -19.82 4.09
CA ASN A 352 -21.54 -18.39 4.26
C ASN A 352 -20.58 -17.71 3.28
N THR A 353 -20.41 -18.30 2.10
CA THR A 353 -19.57 -17.69 1.08
C THR A 353 -20.31 -16.59 0.33
N CYS A 354 -19.82 -16.31 -0.87
CA CYS A 354 -20.40 -15.31 -1.77
C CYS A 354 -20.33 -15.80 -3.21
N SER A 355 -21.12 -15.18 -4.08
CA SER A 355 -21.17 -15.57 -5.48
C SER A 355 -20.95 -14.43 -6.47
N ASN A 356 -21.15 -14.77 -7.74
CA ASN A 356 -21.05 -13.86 -8.87
C ASN A 356 -19.93 -12.82 -8.87
N GLY A 357 -18.71 -13.29 -8.62
CA GLY A 357 -17.53 -12.42 -8.63
C GLY A 357 -16.97 -11.74 -7.39
N TYR A 358 -17.52 -12.01 -6.20
CA TYR A 358 -16.99 -11.38 -5.00
C TYR A 358 -16.45 -12.44 -4.04
N VAL A 359 -15.16 -12.32 -3.75
CA VAL A 359 -14.41 -13.25 -2.92
C VAL A 359 -14.77 -13.29 -1.43
N CYS A 360 -15.24 -12.17 -0.90
CA CYS A 360 -15.62 -12.11 0.52
C CYS A 360 -14.63 -12.79 1.45
N GLU A 361 -13.44 -12.22 1.53
CA GLU A 361 -12.42 -12.79 2.40
C GLU A 361 -12.95 -12.85 3.82
N HIS A 362 -13.51 -11.75 4.31
CA HIS A 362 -14.03 -11.67 5.68
C HIS A 362 -14.97 -12.79 6.12
N ARG A 363 -15.68 -13.40 5.18
CA ARG A 363 -16.60 -14.48 5.55
C ARG A 363 -15.89 -15.86 5.60
N TRP A 364 -14.57 -15.87 5.40
CA TRP A 364 -13.79 -17.10 5.45
C TRP A 364 -13.64 -17.53 6.91
N ARG A 365 -13.83 -18.81 7.17
CA ARG A 365 -13.74 -19.35 8.53
C ARG A 365 -12.52 -18.75 9.24
N GLN A 366 -11.36 -19.14 8.74
CA GLN A 366 -10.05 -18.73 9.22
C GLN A 366 -9.92 -17.24 9.55
N VAL A 367 -10.41 -16.38 8.65
CA VAL A 367 -10.33 -14.94 8.88
C VAL A 367 -11.28 -14.43 9.96
N TYR A 368 -12.60 -14.61 9.78
CA TYR A 368 -13.54 -14.13 10.80
C TYR A 368 -13.39 -14.79 12.16
N GLY A 369 -13.18 -16.10 12.18
CA GLY A 369 -13.03 -16.81 13.43
C GLY A 369 -11.96 -16.14 14.27
N MET A 370 -10.94 -15.63 13.59
CA MET A 370 -9.84 -14.98 14.28
C MET A 370 -10.16 -13.55 14.76
N VAL A 371 -11.08 -12.88 14.08
CA VAL A 371 -11.48 -11.52 14.47
C VAL A 371 -12.06 -11.57 15.89
N GLY A 372 -13.01 -12.48 16.10
CA GLY A 372 -13.63 -12.66 17.41
C GLY A 372 -12.58 -13.08 18.42
N PHE A 373 -11.61 -13.81 17.90
CA PHE A 373 -10.47 -14.15 18.74
C PHE A 373 -9.89 -12.86 19.28
N ARG A 374 -9.66 -11.92 18.37
CA ARG A 374 -9.07 -10.62 18.73
C ARG A 374 -9.92 -9.95 19.83
N ASN A 375 -11.22 -9.79 19.58
CA ASN A 375 -12.13 -9.20 20.57
C ASN A 375 -11.88 -9.83 21.93
N ALA A 376 -12.05 -11.13 21.90
CA ALA A 376 -11.92 -11.99 23.08
C ALA A 376 -10.64 -11.68 23.93
N VAL A 377 -9.57 -11.24 23.34
CA VAL A 377 -8.34 -11.02 24.15
C VAL A 377 -8.03 -9.58 24.52
N GLU A 378 -8.90 -8.70 24.38
CA GLU A 378 -8.45 -7.38 24.62
C GLU A 378 -7.98 -6.98 26.04
N GLY A 379 -7.01 -6.08 25.86
CA GLY A 379 -6.24 -5.45 26.89
C GLY A 379 -5.00 -6.32 27.24
N THR A 380 -4.77 -7.44 26.53
CA THR A 380 -3.64 -8.38 26.89
C THR A 380 -2.32 -8.16 26.13
N GLN A 381 -1.24 -7.97 26.89
CA GLN A 381 0.09 -7.77 26.26
C GLN A 381 0.57 -9.14 25.68
N VAL A 382 1.65 -9.07 24.93
CA VAL A 382 2.26 -10.26 24.29
C VAL A 382 2.82 -11.18 25.36
N GLU A 383 2.40 -12.45 25.37
CA GLU A 383 2.93 -13.37 26.40
C GLU A 383 3.00 -14.86 25.94
N ASN A 384 3.97 -15.55 26.56
CA ASN A 384 4.27 -16.98 26.34
C ASN A 384 4.71 -17.23 24.89
N TRP A 385 5.83 -16.65 24.46
CA TRP A 385 6.35 -16.88 23.11
C TRP A 385 6.96 -18.27 22.97
N TRP A 386 7.02 -18.78 21.75
CA TRP A 386 7.60 -20.09 21.47
C TRP A 386 7.94 -20.31 20.00
N SER A 387 8.94 -21.17 19.73
CA SER A 387 9.35 -21.49 18.37
C SER A 387 10.21 -22.74 18.26
N ASN A 388 10.38 -23.21 17.04
CA ASN A 388 11.25 -24.36 16.78
C ASN A 388 12.49 -23.71 16.13
N ASP A 389 12.64 -22.42 16.39
CA ASP A 389 13.72 -21.60 15.87
C ASP A 389 13.87 -21.77 14.36
N ASP A 390 12.72 -21.76 13.68
CA ASP A 390 12.65 -21.93 12.22
C ASP A 390 11.30 -21.42 11.68
N ASN A 391 10.36 -22.30 11.34
CA ASN A 391 9.06 -21.86 10.81
C ASN A 391 7.85 -22.40 11.56
N GLN A 392 8.00 -22.45 12.88
CA GLN A 392 6.98 -22.93 13.78
C GLN A 392 7.00 -21.91 14.92
N ILE A 393 5.89 -21.19 15.06
CA ILE A 393 5.75 -20.15 16.07
C ILE A 393 4.50 -20.39 16.90
N ALA A 394 4.54 -19.93 18.14
CA ALA A 394 3.41 -20.09 19.04
C ALA A 394 3.50 -19.16 20.23
N PHE A 395 2.34 -18.76 20.74
CA PHE A 395 2.23 -17.87 21.91
C PHE A 395 0.77 -17.68 22.31
N SER A 396 0.51 -16.69 23.17
CA SER A 396 -0.85 -16.48 23.65
C SER A 396 -1.05 -15.13 24.30
N ARG A 397 -2.24 -14.57 24.14
CA ARG A 397 -2.57 -13.28 24.72
C ARG A 397 -3.19 -13.47 26.11
N GLY A 398 -2.34 -13.70 27.10
CA GLY A 398 -2.80 -13.89 28.47
C GLY A 398 -3.71 -15.08 28.62
N SER A 399 -4.38 -15.19 29.77
CA SER A 399 -5.28 -16.30 30.03
C SER A 399 -6.52 -16.22 29.14
N GLN A 400 -6.53 -15.21 28.26
CA GLN A 400 -7.65 -15.01 27.38
C GLN A 400 -7.58 -15.79 26.06
N GLY A 401 -6.37 -15.98 25.54
CA GLY A 401 -6.25 -16.71 24.27
C GLY A 401 -4.87 -17.20 23.88
N PHE A 402 -4.83 -18.11 22.89
CA PHE A 402 -3.58 -18.71 22.37
C PHE A 402 -3.59 -19.04 20.86
N VAL A 403 -2.39 -19.12 20.26
CA VAL A 403 -2.22 -19.47 18.82
C VAL A 403 -0.81 -20.00 18.50
N ALA A 404 -0.69 -20.70 17.37
CA ALA A 404 0.58 -21.30 16.92
C ALA A 404 0.47 -21.62 15.43
N PHE A 405 1.60 -21.94 14.79
CA PHE A 405 1.60 -22.26 13.34
C PHE A 405 2.91 -22.82 12.81
N THR A 406 2.93 -23.14 11.52
CA THR A 406 4.11 -23.73 10.90
C THR A 406 4.17 -23.80 9.35
N ASN A 407 5.30 -23.35 8.80
CA ASN A 407 5.53 -23.39 7.35
C ASN A 407 6.24 -24.69 7.03
N GLY A 408 7.02 -25.17 7.99
CA GLY A 408 7.77 -26.40 7.79
C GLY A 408 8.11 -27.12 9.09
N GLY A 409 7.53 -28.28 9.24
CA GLY A 409 7.77 -29.10 10.42
C GLY A 409 6.47 -29.28 11.19
N ASP A 410 6.03 -30.50 11.18
CA ASP A 410 4.81 -30.86 11.86
C ASP A 410 4.99 -30.54 13.32
N LEU A 411 4.34 -29.49 13.71
CA LEU A 411 4.36 -29.05 15.05
C LEU A 411 3.49 -30.05 15.83
N ASN A 412 4.10 -31.11 16.22
CA ASN A 412 3.45 -32.07 17.07
C ASN A 412 4.21 -31.85 18.32
N GLN A 413 3.92 -30.78 18.95
CA GLN A 413 4.65 -30.44 20.13
C GLN A 413 3.74 -30.67 21.26
N ASN A 414 4.24 -30.38 22.37
CA ASN A 414 3.51 -30.51 23.61
C ASN A 414 3.82 -29.23 24.31
N LEU A 415 2.89 -28.30 24.16
CA LEU A 415 3.06 -26.93 24.67
C LEU A 415 2.14 -26.52 25.81
N ASN A 416 2.03 -25.20 25.89
CA ASN A 416 1.24 -24.45 26.89
C ASN A 416 0.15 -23.64 26.15
N THR A 417 -0.71 -23.00 26.92
CA THR A 417 -1.73 -22.06 26.43
C THR A 417 -1.92 -20.95 27.46
N GLY A 418 -1.38 -21.25 28.64
CA GLY A 418 -1.39 -20.35 29.83
C GLY A 418 -2.82 -19.96 30.26
N LEU A 419 -3.78 -20.79 29.89
CA LEU A 419 -5.22 -20.52 30.16
C LEU A 419 -5.87 -21.46 31.19
N PRO A 420 -7.19 -21.25 31.52
CA PRO A 420 -7.90 -22.16 32.40
C PRO A 420 -7.86 -23.56 31.82
N ALA A 421 -7.68 -24.53 32.68
CA ALA A 421 -7.63 -25.94 32.24
C ALA A 421 -8.96 -26.29 31.61
N GLY A 422 -8.97 -26.79 30.40
CA GLY A 422 -10.26 -27.14 29.78
C GLY A 422 -10.12 -27.54 28.34
N THR A 423 -11.21 -27.38 27.62
CA THR A 423 -11.16 -27.73 26.25
C THR A 423 -11.67 -26.68 25.44
N TYR A 424 -11.01 -26.65 24.39
CA TYR A 424 -11.29 -25.65 23.52
C TYR A 424 -11.45 -26.10 22.06
N CYS A 425 -12.59 -25.41 21.38
CA CYS A 425 -12.94 -25.59 19.90
C CYS A 425 -12.12 -24.59 19.10
N ASP A 426 -11.11 -25.14 18.41
CA ASP A 426 -10.30 -24.27 17.54
C ASP A 426 -11.23 -23.45 16.66
N VAL A 427 -10.79 -22.29 16.25
CA VAL A 427 -11.64 -21.42 15.43
C VAL A 427 -11.27 -21.47 13.93
N ILE A 428 -10.00 -21.70 13.63
CA ILE A 428 -9.55 -21.77 12.21
C ILE A 428 -10.32 -22.81 11.44
N SER A 429 -10.12 -24.00 11.88
CA SER A 429 -10.75 -25.14 11.28
C SER A 429 -12.12 -25.24 11.70
N GLY A 430 -12.23 -25.01 12.97
CA GLY A 430 -13.55 -25.25 13.55
C GLY A 430 -13.97 -24.13 14.50
N GLU A 431 -15.16 -24.34 14.97
CA GLU A 431 -15.85 -23.47 15.91
C GLU A 431 -16.84 -24.35 16.69
N LEU A 432 -17.57 -23.73 17.58
CA LEU A 432 -18.55 -24.45 18.40
C LEU A 432 -19.96 -24.18 17.87
N SER A 433 -20.62 -25.24 17.53
CA SER A 433 -21.99 -25.19 17.00
C SER A 433 -22.84 -26.19 17.75
N GLY A 434 -23.89 -25.67 18.33
CA GLY A 434 -24.82 -26.48 19.08
C GLY A 434 -24.10 -27.24 20.23
N GLY A 435 -23.19 -26.53 20.88
CA GLY A 435 -22.45 -27.05 22.06
C GLY A 435 -21.45 -28.20 21.77
N SER A 436 -21.02 -28.31 20.54
CA SER A 436 -20.03 -29.35 20.14
C SER A 436 -19.15 -28.75 19.06
N CYS A 437 -17.92 -29.18 19.00
CA CYS A 437 -16.94 -28.63 18.05
C CYS A 437 -17.10 -29.10 16.65
N THR A 438 -17.08 -28.11 15.71
CA THR A 438 -17.21 -28.58 14.39
C THR A 438 -15.87 -29.01 13.74
N GLY A 439 -14.64 -28.83 14.37
CA GLY A 439 -13.32 -29.26 13.72
C GLY A 439 -12.37 -29.94 14.75
N LYS A 440 -11.61 -29.12 15.58
CA LYS A 440 -10.70 -29.79 16.53
C LYS A 440 -11.05 -29.54 18.02
N SER A 441 -11.39 -30.66 18.65
CA SER A 441 -11.75 -30.71 20.07
C SER A 441 -10.51 -31.17 20.85
N VAL A 442 -9.64 -30.25 21.13
CA VAL A 442 -8.39 -30.50 21.87
C VAL A 442 -8.59 -30.53 23.35
N THR A 443 -7.77 -31.18 24.13
CA THR A 443 -7.76 -30.91 25.60
C THR A 443 -6.58 -29.93 26.20
N VAL A 444 -6.81 -29.30 27.39
CA VAL A 444 -5.78 -28.47 28.08
C VAL A 444 -5.82 -28.73 29.59
N GLY A 445 -4.83 -29.49 30.09
CA GLY A 445 -4.74 -29.86 31.50
C GLY A 445 -4.84 -28.72 32.49
N ASP A 446 -4.82 -29.07 33.78
CA ASP A 446 -4.95 -28.10 34.87
C ASP A 446 -3.99 -26.90 35.01
N ASN A 447 -3.22 -26.58 33.97
CA ASN A 447 -2.32 -25.42 34.01
C ASN A 447 -1.67 -24.98 32.68
N GLY A 448 -2.50 -24.75 31.67
CA GLY A 448 -1.99 -24.30 30.38
C GLY A 448 -1.36 -25.36 29.50
N SER A 449 -0.45 -26.14 30.07
CA SER A 449 0.24 -27.19 29.33
C SER A 449 -0.71 -28.08 28.55
N ALA A 450 -0.74 -27.86 27.24
CA ALA A 450 -1.58 -28.63 26.32
C ALA A 450 -0.72 -29.30 25.23
N ASP A 451 -1.30 -30.19 24.46
CA ASP A 451 -0.63 -30.88 23.34
C ASP A 451 -1.22 -30.38 22.02
N ILE A 452 -0.34 -30.01 21.09
CA ILE A 452 -0.76 -29.51 19.77
C ILE A 452 -0.24 -30.40 18.65
N SER A 453 -0.97 -30.38 17.56
CA SER A 453 -0.66 -31.18 16.39
C SER A 453 -1.26 -30.52 15.14
N LEU A 454 -0.38 -29.89 14.41
CA LEU A 454 -0.67 -29.17 13.17
C LEU A 454 0.35 -29.63 12.17
N GLY A 455 -0.14 -30.41 11.22
CA GLY A 455 0.70 -31.02 10.16
C GLY A 455 0.83 -30.14 8.91
N SER A 456 1.95 -30.33 8.24
CA SER A 456 2.29 -29.60 7.01
C SER A 456 1.14 -29.69 6.02
N ALA A 457 0.81 -30.94 5.63
CA ALA A 457 -0.24 -31.22 4.65
C ALA A 457 -1.62 -30.66 4.97
N GLU A 458 -1.85 -30.26 6.23
CA GLU A 458 -3.14 -29.70 6.63
C GLU A 458 -3.62 -28.56 5.73
N ASP A 459 -4.89 -28.18 5.88
CA ASP A 459 -5.43 -27.08 5.11
C ASP A 459 -4.71 -25.80 5.48
N ASP A 460 -4.40 -25.64 6.76
CA ASP A 460 -3.75 -24.41 7.18
C ASP A 460 -2.68 -24.55 8.24
N GLY A 461 -1.90 -23.50 8.39
CA GLY A 461 -0.85 -23.49 9.38
C GLY A 461 -1.22 -22.49 10.46
N VAL A 462 -2.07 -22.92 11.38
CA VAL A 462 -2.51 -22.07 12.48
C VAL A 462 -3.59 -22.73 13.28
N LEU A 463 -3.58 -22.44 14.57
CA LEU A 463 -4.53 -22.99 15.52
C LEU A 463 -4.80 -21.96 16.61
N ALA A 464 -6.03 -21.51 16.67
CA ALA A 464 -6.42 -20.54 17.69
C ALA A 464 -7.43 -21.14 18.65
N ILE A 465 -7.30 -20.75 19.90
CA ILE A 465 -8.20 -21.19 20.97
C ILE A 465 -8.23 -20.06 22.01
N HIS A 466 -9.43 -19.77 22.50
CA HIS A 466 -9.62 -18.70 23.49
C HIS A 466 -10.85 -18.98 24.34
N VAL A 467 -10.85 -18.46 25.57
CA VAL A 467 -11.96 -18.65 26.51
C VAL A 467 -13.36 -18.54 25.89
N ASN A 468 -13.52 -17.72 24.86
CA ASN A 468 -14.82 -17.58 24.18
C ASN A 468 -15.03 -18.67 23.14
N ALA A 469 -14.34 -19.78 23.38
CA ALA A 469 -14.43 -20.96 22.55
C ALA A 469 -14.41 -22.14 23.51
N LYS A 470 -14.46 -21.83 24.81
CA LYS A 470 -14.44 -22.86 25.84
C LYS A 470 -15.84 -23.46 25.93
N LEU A 471 -15.91 -24.80 25.84
CA LEU A 471 -17.18 -25.51 25.93
C LEU A 471 -17.31 -26.12 27.31
N ALA B 1 44.02 9.46 -6.80
CA ALA B 1 42.55 9.33 -7.07
C ALA B 1 42.18 7.87 -7.30
N THR B 2 40.89 7.61 -7.54
CA THR B 2 40.39 6.26 -7.76
C THR B 2 39.52 6.05 -8.99
N GLU B 3 40.03 5.27 -9.94
CA GLU B 3 39.29 4.94 -11.14
C GLU B 3 38.69 3.57 -10.84
N THR B 4 37.37 3.44 -10.97
CA THR B 4 36.68 2.17 -10.68
C THR B 4 35.90 1.61 -11.86
N SER B 5 35.70 0.29 -11.82
CA SER B 5 35.00 -0.39 -12.89
C SER B 5 34.47 -1.77 -12.44
N PHE B 6 33.42 -2.23 -13.11
CA PHE B 6 32.83 -3.54 -12.82
C PHE B 6 31.83 -4.02 -13.85
N ILE B 7 31.75 -5.35 -13.99
CA ILE B 7 30.82 -5.98 -14.91
C ILE B 7 29.92 -6.90 -14.08
N ILE B 8 28.62 -6.76 -14.26
CA ILE B 8 27.69 -7.60 -13.53
C ILE B 8 26.73 -8.26 -14.50
N ASP B 9 27.04 -9.51 -14.88
CA ASP B 9 26.18 -10.26 -15.78
C ASP B 9 24.99 -10.80 -14.98
N ALA B 10 25.17 -10.92 -13.67
CA ALA B 10 24.12 -11.37 -12.76
C ALA B 10 24.35 -10.74 -11.40
N PHE B 11 23.37 -9.96 -10.97
CA PHE B 11 23.41 -9.24 -9.69
C PHE B 11 23.40 -10.17 -8.48
N ASN B 12 23.90 -9.66 -7.36
CA ASN B 12 23.92 -10.41 -6.12
C ASN B 12 23.94 -9.35 -5.02
N LYS B 13 22.97 -9.44 -4.11
CA LYS B 13 22.78 -8.50 -3.02
C LYS B 13 24.03 -8.18 -2.22
N THR B 14 25.00 -9.08 -2.26
CA THR B 14 26.24 -8.93 -1.52
C THR B 14 26.96 -7.60 -1.73
N ASN B 15 27.13 -7.19 -2.99
CA ASN B 15 27.83 -5.93 -3.30
C ASN B 15 26.84 -4.83 -3.66
N LEU B 16 25.65 -4.91 -3.08
CA LEU B 16 24.59 -3.92 -3.34
C LEU B 16 24.00 -3.31 -2.07
N ILE B 17 23.43 -2.12 -2.23
CA ILE B 17 22.78 -1.39 -1.15
C ILE B 17 21.31 -1.27 -1.54
N LEU B 18 20.41 -1.78 -0.69
CA LEU B 18 19.01 -1.75 -1.04
C LEU B 18 18.13 -0.86 -0.17
N GLN B 19 17.53 0.15 -0.79
CA GLN B 19 16.64 1.05 -0.07
C GLN B 19 15.28 0.78 -0.64
N GLY B 20 14.24 1.01 0.14
CA GLY B 20 12.88 0.80 -0.31
C GLY B 20 12.63 -0.61 -0.82
N ASP B 21 11.67 -0.75 -1.74
CA ASP B 21 11.35 -2.05 -2.29
C ASP B 21 12.32 -2.44 -3.39
N ALA B 22 13.54 -2.74 -2.98
CA ALA B 22 14.59 -3.15 -3.89
C ALA B 22 15.06 -4.53 -3.45
N THR B 23 15.13 -5.48 -4.39
CA THR B 23 15.56 -6.84 -4.08
C THR B 23 16.33 -7.55 -5.19
N VAL B 24 16.67 -8.82 -4.93
CA VAL B 24 17.36 -9.66 -5.90
C VAL B 24 16.75 -11.07 -5.99
N SER B 25 16.27 -11.45 -7.16
CA SER B 25 15.64 -12.76 -7.34
C SER B 25 16.68 -13.85 -7.52
N SER B 26 16.24 -15.10 -7.33
CA SER B 26 17.12 -16.24 -7.49
C SER B 26 17.71 -16.26 -8.90
N ASN B 27 16.98 -15.70 -9.87
CA ASN B 27 17.44 -15.63 -11.25
C ASN B 27 18.45 -14.50 -11.47
N GLY B 28 18.95 -13.98 -10.35
CA GLY B 28 19.95 -12.93 -10.40
C GLY B 28 19.62 -11.58 -10.99
N ASN B 29 18.39 -11.11 -10.83
CA ASN B 29 18.01 -9.80 -11.36
C ASN B 29 17.67 -8.87 -10.22
N LEU B 30 18.05 -7.61 -10.36
CA LEU B 30 17.74 -6.58 -9.37
C LEU B 30 16.29 -6.22 -9.66
N GLN B 31 15.49 -6.01 -8.61
CA GLN B 31 14.09 -5.70 -8.82
C GLN B 31 13.57 -4.62 -7.89
N LEU B 32 12.96 -3.60 -8.50
CA LEU B 32 12.40 -2.49 -7.77
C LEU B 32 10.88 -2.34 -8.08
N SER B 33 10.14 -1.83 -7.08
CA SER B 33 8.68 -1.65 -7.07
C SER B 33 7.75 -2.88 -7.18
N TYR B 34 8.31 -4.06 -7.37
CA TYR B 34 7.54 -5.30 -7.48
C TYR B 34 6.42 -5.55 -6.42
N ASN B 35 6.42 -4.74 -5.35
CA ASN B 35 5.46 -4.86 -4.25
C ASN B 35 5.09 -3.49 -3.71
N SER B 36 5.09 -2.50 -4.57
CA SER B 36 4.80 -1.17 -4.09
C SER B 36 4.30 -0.24 -5.18
N TYR B 37 3.73 0.86 -4.73
CA TYR B 37 3.21 1.89 -5.62
C TYR B 37 3.39 3.22 -4.90
N ASP B 38 3.31 4.32 -5.64
CA ASP B 38 3.47 5.66 -5.08
C ASP B 38 4.63 5.77 -4.08
N SER B 39 5.78 5.26 -4.49
CA SER B 39 6.96 5.27 -3.65
C SER B 39 8.19 5.15 -4.52
N MET B 40 9.36 5.30 -3.89
CA MET B 40 10.61 5.22 -4.60
C MET B 40 11.57 4.25 -3.92
N SER B 41 12.18 3.39 -4.74
CA SER B 41 13.15 2.38 -4.30
C SER B 41 14.49 2.72 -4.94
N ARG B 42 15.58 2.18 -4.39
CA ARG B 42 16.92 2.43 -4.94
C ARG B 42 17.92 1.32 -4.63
N ALA B 43 18.95 1.18 -5.47
CA ALA B 43 20.03 0.19 -5.28
C ALA B 43 21.33 0.82 -5.74
N PHE B 44 22.40 0.66 -4.96
CA PHE B 44 23.69 1.28 -5.28
C PHE B 44 24.87 0.36 -5.04
N TYR B 45 25.85 0.39 -5.93
CA TYR B 45 27.02 -0.45 -5.75
C TYR B 45 27.63 -0.02 -4.41
N SER B 46 28.07 -1.00 -3.61
CA SER B 46 28.67 -0.75 -2.31
C SER B 46 29.69 0.38 -2.37
N ALA B 47 30.78 0.14 -3.08
CA ALA B 47 31.84 1.12 -3.23
C ALA B 47 31.37 2.48 -3.70
N PRO B 48 31.72 3.54 -2.97
CA PRO B 48 31.31 4.89 -3.35
C PRO B 48 32.23 5.34 -4.48
N ILE B 49 31.71 5.43 -5.69
CA ILE B 49 32.51 5.89 -6.84
C ILE B 49 32.92 7.36 -6.73
N GLN B 50 34.10 7.69 -7.24
CA GLN B 50 34.66 9.05 -7.23
C GLN B 50 34.51 9.69 -8.62
N ILE B 51 33.94 10.90 -8.66
CA ILE B 51 33.73 11.62 -9.92
C ILE B 51 34.68 12.81 -10.07
N ARG B 52 34.77 13.64 -9.05
CA ARG B 52 35.66 14.78 -9.10
C ARG B 52 36.83 14.52 -8.13
N ASP B 53 38.01 15.02 -8.52
CA ASP B 53 39.25 14.93 -7.76
C ASP B 53 39.54 16.33 -7.23
N SER B 54 39.74 16.44 -5.92
CA SER B 54 40.00 17.74 -5.30
C SER B 54 41.47 18.13 -5.38
N THR B 55 42.31 17.15 -5.71
CA THR B 55 43.74 17.36 -5.79
C THR B 55 44.22 17.94 -7.12
N THR B 56 43.30 18.15 -8.05
CA THR B 56 43.62 18.68 -9.39
C THR B 56 42.46 19.47 -9.99
N GLY B 57 41.25 19.13 -9.56
CA GLY B 57 40.04 19.75 -10.08
C GLY B 57 39.44 18.77 -11.09
N ASN B 58 40.30 17.91 -11.64
CA ASN B 58 39.93 16.91 -12.63
C ASN B 58 38.60 16.22 -12.37
N VAL B 59 37.96 15.76 -13.44
CA VAL B 59 36.69 15.05 -13.35
C VAL B 59 36.77 13.75 -14.14
N ALA B 60 36.05 12.79 -13.63
CA ALA B 60 35.99 11.47 -14.21
C ALA B 60 35.05 11.46 -15.39
N SER B 61 35.46 10.81 -16.43
CA SER B 61 34.61 10.64 -17.57
C SER B 61 34.02 9.30 -17.22
N PHE B 62 32.80 9.13 -17.01
CA PHE B 62 32.35 7.76 -16.76
C PHE B 62 31.62 7.30 -18.01
N ASP B 63 31.55 6.01 -18.12
CA ASP B 63 30.89 5.31 -19.22
C ASP B 63 30.14 4.16 -18.60
N THR B 64 29.03 3.72 -19.14
CA THR B 64 28.26 2.66 -18.52
C THR B 64 27.13 2.10 -19.38
N ASN B 65 26.96 0.78 -19.30
CA ASN B 65 25.91 0.07 -20.00
C ASN B 65 25.07 -0.63 -18.96
N PHE B 66 23.90 -1.10 -19.40
CA PHE B 66 22.98 -1.85 -18.56
C PHE B 66 21.70 -2.20 -19.29
N THR B 67 21.36 -3.48 -19.25
CA THR B 67 20.14 -4.00 -19.88
C THR B 67 19.10 -3.93 -18.79
N MET B 68 17.86 -3.68 -19.19
CA MET B 68 16.75 -3.59 -18.26
C MET B 68 15.46 -3.91 -18.99
N ASN B 69 14.49 -4.43 -18.26
CA ASN B 69 13.21 -4.80 -18.84
C ASN B 69 12.08 -4.22 -17.99
N ILE B 70 11.53 -3.11 -18.48
CA ILE B 70 10.43 -2.42 -17.80
C ILE B 70 9.07 -2.97 -18.18
N ARG B 71 8.29 -3.35 -17.18
CA ARG B 71 6.94 -3.87 -17.41
C ARG B 71 5.91 -2.94 -16.75
N THR B 72 4.66 -2.98 -17.21
CA THR B 72 3.60 -2.15 -16.62
C THR B 72 2.39 -3.00 -16.29
N HIS B 73 2.29 -4.16 -16.93
CA HIS B 73 1.19 -5.09 -16.73
C HIS B 73 -0.13 -4.34 -16.90
N ARG B 74 -0.17 -3.51 -17.93
CA ARG B 74 -1.33 -2.68 -18.23
C ARG B 74 -1.51 -2.66 -19.74
N GLN B 75 -2.37 -3.53 -20.26
CA GLN B 75 -2.62 -3.57 -21.69
C GLN B 75 -3.80 -2.65 -22.03
N SER B 78 11.67 10.64 -11.35
CA SER B 78 10.57 10.56 -12.35
C SER B 78 9.26 10.27 -11.65
N ALA B 79 8.17 10.25 -12.42
CA ALA B 79 6.84 9.97 -11.87
C ALA B 79 6.61 8.48 -11.75
N VAL B 80 6.88 7.77 -12.84
CA VAL B 80 6.74 6.33 -12.91
C VAL B 80 7.82 5.89 -13.88
N GLY B 81 8.73 5.05 -13.43
CA GLY B 81 9.79 4.59 -14.32
C GLY B 81 11.02 4.08 -13.59
N LEU B 82 12.15 4.10 -14.29
CA LEU B 82 13.44 3.64 -13.75
C LEU B 82 14.48 4.65 -14.14
N ASP B 83 15.27 5.08 -13.17
CA ASP B 83 16.29 6.10 -13.48
C ASP B 83 17.66 5.69 -12.98
N PHE B 84 18.66 6.01 -13.78
CA PHE B 84 20.03 5.77 -13.37
C PHE B 84 20.42 7.01 -12.64
N VAL B 85 21.05 6.88 -11.50
CA VAL B 85 21.42 8.09 -10.73
C VAL B 85 22.82 8.05 -10.13
N LEU B 86 23.38 9.23 -10.12
CA LEU B 86 24.66 9.52 -9.50
C LEU B 86 24.25 10.36 -8.31
N VAL B 87 23.92 9.66 -7.25
CA VAL B 87 23.49 10.29 -5.99
C VAL B 87 24.69 10.47 -5.08
N PRO B 88 24.96 11.70 -4.66
CA PRO B 88 26.11 11.98 -3.78
C PRO B 88 26.12 11.11 -2.52
N VAL B 89 27.21 11.23 -1.78
CA VAL B 89 27.41 10.47 -0.55
C VAL B 89 26.80 11.04 0.74
N GLN B 90 25.84 10.28 1.23
CA GLN B 90 25.12 10.49 2.48
C GLN B 90 25.57 11.65 3.31
N ASP B 96 21.24 18.47 -6.60
CA ASP B 96 22.59 17.94 -6.30
C ASP B 96 22.72 16.45 -6.68
N THR B 97 22.04 16.07 -7.73
CA THR B 97 22.08 14.70 -8.21
C THR B 97 21.87 14.73 -9.72
N VAL B 98 22.82 14.16 -10.45
CA VAL B 98 22.68 14.07 -11.92
C VAL B 98 21.86 12.81 -12.10
N THR B 99 20.82 12.90 -12.92
CA THR B 99 19.92 11.75 -13.08
C THR B 99 19.31 11.61 -14.48
N VAL B 100 19.58 10.47 -15.08
CA VAL B 100 19.02 10.14 -16.37
C VAL B 100 17.76 9.35 -16.11
N GLU B 101 16.59 9.95 -16.50
CA GLU B 101 15.37 9.26 -16.06
C GLU B 101 14.56 8.71 -17.25
N PHE B 102 14.16 7.46 -17.08
CA PHE B 102 13.32 6.76 -18.05
C PHE B 102 11.92 6.77 -17.49
N ASP B 103 11.34 7.94 -17.55
CA ASP B 103 10.00 8.17 -17.08
C ASP B 103 9.06 7.60 -18.10
N THR B 104 8.33 6.61 -17.68
CA THR B 104 7.38 5.95 -18.55
C THR B 104 6.06 6.70 -18.55
N PHE B 105 5.88 7.54 -17.56
CA PHE B 105 4.60 8.26 -17.45
C PHE B 105 4.54 9.55 -18.28
N LEU B 106 5.53 10.42 -18.15
CA LEU B 106 5.55 11.65 -18.94
C LEU B 106 6.06 11.30 -20.33
N SER B 107 6.44 10.05 -20.44
CA SER B 107 6.97 9.49 -21.66
C SER B 107 8.09 10.39 -22.17
N ARG B 108 9.12 10.49 -21.35
CA ARG B 108 10.30 11.29 -21.65
C ARG B 108 11.55 10.69 -21.04
N ILE B 109 12.63 10.83 -21.77
CA ILE B 109 13.96 10.42 -21.33
C ILE B 109 14.68 11.72 -21.12
N SER B 110 15.31 11.90 -19.93
CA SER B 110 15.95 13.19 -19.72
C SER B 110 17.08 13.12 -18.69
N ILE B 111 17.86 14.17 -18.70
CA ILE B 111 18.97 14.35 -17.80
C ILE B 111 18.54 15.47 -16.86
N ASP B 112 17.93 14.99 -15.82
CA ASP B 112 17.37 15.78 -14.73
C ASP B 112 18.47 16.05 -13.73
N VAL B 113 18.97 17.30 -13.70
CA VAL B 113 20.01 17.73 -12.73
C VAL B 113 19.38 18.76 -11.77
N ASN B 114 19.22 18.33 -10.54
CA ASN B 114 18.61 19.16 -9.47
C ASN B 114 17.16 19.52 -9.80
N ASN B 115 16.43 18.52 -10.23
CA ASN B 115 15.00 18.68 -10.59
C ASN B 115 14.79 19.46 -11.90
N ASN B 116 15.87 20.01 -12.42
CA ASN B 116 15.81 20.78 -13.68
C ASN B 116 16.47 19.97 -14.80
N ASP B 117 15.61 19.40 -15.63
CA ASP B 117 16.03 18.59 -16.77
C ASP B 117 16.81 19.46 -17.73
N ILE B 118 18.02 19.04 -18.01
CA ILE B 118 18.89 19.80 -18.91
C ILE B 118 18.59 19.50 -20.37
N LYS B 119 18.00 18.36 -20.61
CA LYS B 119 17.61 17.94 -21.95
C LYS B 119 16.73 16.71 -21.80
N SER B 120 15.63 16.71 -22.49
CA SER B 120 14.69 15.59 -22.48
C SER B 120 14.21 15.38 -23.90
N VAL B 121 13.79 14.17 -24.16
CA VAL B 121 13.27 13.78 -25.48
C VAL B 121 12.19 12.74 -25.28
N PRO B 122 11.15 12.77 -26.08
CA PRO B 122 10.10 11.78 -25.97
C PRO B 122 10.52 10.38 -26.44
N TRP B 123 9.91 9.40 -25.82
CA TRP B 123 10.07 7.97 -26.14
C TRP B 123 8.78 7.33 -25.74
N ASP B 124 8.45 6.22 -26.37
CA ASP B 124 7.21 5.52 -26.06
C ASP B 124 7.52 4.22 -25.33
N VAL B 125 6.86 4.05 -24.22
CA VAL B 125 7.05 2.88 -23.38
C VAL B 125 6.68 1.60 -24.09
N HIS B 126 5.67 1.67 -24.93
CA HIS B 126 5.22 0.45 -25.64
C HIS B 126 6.27 -0.04 -26.64
N ASP B 127 7.30 0.74 -26.89
CA ASP B 127 8.33 0.26 -27.81
C ASP B 127 9.30 -0.63 -27.01
N TYR B 128 9.11 -0.67 -25.69
CA TYR B 128 10.01 -1.45 -24.82
C TYR B 128 9.33 -2.29 -23.71
N ASP B 129 8.12 -1.94 -23.32
CA ASP B 129 7.42 -2.69 -22.25
C ASP B 129 7.48 -4.19 -22.56
N GLY B 130 7.96 -4.96 -21.58
CA GLY B 130 7.99 -6.42 -21.71
C GLY B 130 9.37 -7.02 -22.08
N GLN B 131 10.09 -6.41 -23.02
CA GLN B 131 11.40 -6.97 -23.46
C GLN B 131 12.61 -6.23 -22.84
N ASN B 132 13.78 -6.64 -23.30
CA ASN B 132 15.09 -6.10 -22.86
C ASN B 132 15.48 -4.86 -23.60
N ALA B 133 16.00 -3.92 -22.85
CA ALA B 133 16.44 -2.62 -23.40
C ALA B 133 17.87 -2.32 -22.97
N GLU B 134 18.64 -1.88 -23.96
CA GLU B 134 20.05 -1.53 -23.73
C GLU B 134 20.19 -0.02 -23.58
N VAL B 135 20.65 0.36 -22.41
CA VAL B 135 20.91 1.75 -22.06
C VAL B 135 22.40 1.95 -21.96
N ARG B 136 22.84 3.08 -22.37
CA ARG B 136 24.25 3.41 -22.28
C ARG B 136 24.39 4.84 -22.00
N ILE B 137 24.95 5.12 -20.84
CA ILE B 137 25.25 6.48 -20.39
C ILE B 137 26.73 6.73 -20.59
N THR B 138 27.09 7.93 -20.98
CA THR B 138 28.51 8.26 -21.20
C THR B 138 28.74 9.76 -21.01
N TYR B 139 29.82 10.08 -20.31
CA TYR B 139 30.16 11.48 -20.06
C TYR B 139 31.67 11.71 -20.28
N ASN B 140 31.97 12.56 -21.28
CA ASN B 140 33.36 12.90 -21.61
C ASN B 140 33.75 14.07 -20.70
N SER B 141 34.84 13.90 -19.95
CA SER B 141 35.31 14.96 -19.06
C SER B 141 35.95 16.09 -19.87
N SER B 142 36.47 15.75 -21.04
CA SER B 142 37.16 16.69 -21.91
C SER B 142 36.27 17.60 -22.72
N THR B 143 35.18 17.05 -23.25
CA THR B 143 34.24 17.82 -24.06
C THR B 143 32.96 18.20 -23.31
N LYS B 144 32.81 17.65 -22.11
CA LYS B 144 31.66 17.92 -21.25
C LYS B 144 30.34 17.43 -21.85
N VAL B 145 30.42 16.42 -22.72
CA VAL B 145 29.26 15.85 -23.40
C VAL B 145 28.63 14.59 -22.78
N PHE B 146 27.42 14.74 -22.25
CA PHE B 146 26.67 13.64 -21.64
C PHE B 146 25.83 13.04 -22.75
N SER B 147 25.57 11.73 -22.69
CA SER B 147 24.79 11.07 -23.73
C SER B 147 24.11 9.77 -23.30
N VAL B 148 22.85 9.61 -23.75
CA VAL B 148 22.04 8.43 -23.37
C VAL B 148 21.46 7.75 -24.60
N SER B 149 21.33 6.44 -24.52
CA SER B 149 20.79 5.65 -25.64
C SER B 149 20.00 4.41 -25.15
N LEU B 150 18.78 4.38 -25.60
CA LEU B 150 17.81 3.31 -25.34
C LEU B 150 17.67 2.55 -26.65
N SER B 151 17.65 1.23 -26.60
CA SER B 151 17.52 0.44 -27.85
C SER B 151 17.01 -0.98 -27.58
N ASN B 152 15.89 -1.30 -28.21
CA ASN B 152 15.25 -2.63 -28.07
C ASN B 152 15.81 -3.59 -29.13
N PRO B 153 16.71 -4.49 -28.71
CA PRO B 153 17.43 -5.42 -29.60
C PRO B 153 16.53 -6.29 -30.42
N SER B 154 15.38 -6.58 -29.87
CA SER B 154 14.41 -7.46 -30.53
C SER B 154 13.96 -6.89 -31.88
N THR B 155 13.97 -5.56 -31.98
CA THR B 155 13.52 -4.87 -33.22
C THR B 155 14.59 -3.90 -33.74
N GLY B 156 15.08 -3.05 -32.86
CA GLY B 156 16.13 -2.10 -33.23
C GLY B 156 15.64 -0.65 -33.25
N LYS B 157 14.95 -0.29 -32.21
CA LYS B 157 14.44 1.07 -32.03
C LYS B 157 15.32 1.71 -30.97
N SER B 158 15.73 2.94 -31.21
CA SER B 158 16.60 3.62 -30.24
C SER B 158 16.24 5.09 -30.06
N ASN B 159 15.77 5.36 -28.86
CA ASN B 159 15.44 6.71 -28.45
C ASN B 159 16.69 7.20 -27.73
N ASN B 160 17.43 8.05 -28.40
CA ASN B 160 18.68 8.59 -27.85
C ASN B 160 18.49 10.04 -27.43
N VAL B 161 19.55 10.61 -26.91
CA VAL B 161 19.56 12.00 -26.45
C VAL B 161 20.98 12.40 -26.07
N SER B 162 21.28 13.69 -25.99
CA SER B 162 22.63 14.14 -25.67
C SER B 162 22.71 15.63 -25.30
N THR B 163 23.60 15.97 -24.36
CA THR B 163 23.78 17.37 -23.94
C THR B 163 25.08 17.69 -23.21
N THR B 164 25.46 18.96 -23.23
CA THR B 164 26.67 19.39 -22.53
C THR B 164 26.32 19.62 -21.06
N VAL B 165 26.99 18.88 -20.19
CA VAL B 165 26.78 19.00 -18.74
C VAL B 165 28.11 19.28 -18.05
N GLU B 166 28.12 20.27 -17.16
CA GLU B 166 29.35 20.64 -16.45
C GLU B 166 29.32 20.13 -15.02
N LEU B 167 30.22 19.21 -14.71
CA LEU B 167 30.32 18.63 -13.38
C LEU B 167 31.57 19.11 -12.67
N GLU B 168 32.11 20.25 -13.12
CA GLU B 168 33.30 20.84 -12.55
C GLU B 168 32.93 21.66 -11.30
N LYS B 169 31.90 21.20 -10.59
CA LYS B 169 31.40 21.86 -9.37
C LYS B 169 32.02 21.19 -8.15
N GLU B 170 32.70 21.99 -7.31
CA GLU B 170 33.37 21.48 -6.10
C GLU B 170 32.54 20.45 -5.26
N VAL B 171 31.23 20.62 -5.30
CA VAL B 171 30.31 19.74 -4.59
C VAL B 171 29.86 18.61 -5.51
N TYR B 172 30.55 17.46 -5.42
CA TYR B 172 30.25 16.26 -6.21
C TYR B 172 31.25 15.14 -5.99
N ASP B 173 32.50 15.51 -5.77
CA ASP B 173 33.61 14.59 -5.51
C ASP B 173 33.31 13.11 -5.55
N TRP B 174 32.58 12.63 -4.55
CA TRP B 174 32.24 11.23 -4.42
C TRP B 174 30.75 10.99 -4.49
N VAL B 175 30.33 10.16 -5.44
CA VAL B 175 28.94 9.80 -5.67
C VAL B 175 28.71 8.29 -5.44
N SER B 176 27.45 7.86 -5.53
CA SER B 176 27.08 6.45 -5.31
C SER B 176 26.18 6.05 -6.46
N VAL B 177 26.75 5.62 -7.51
CA VAL B 177 26.09 5.16 -8.74
C VAL B 177 25.10 4.06 -8.45
N GLY B 178 23.89 4.24 -8.91
CA GLY B 178 22.86 3.23 -8.68
C GLY B 178 21.63 3.48 -9.55
N PHE B 179 20.59 2.84 -9.15
CA PHE B 179 19.30 2.91 -9.82
C PHE B 179 18.26 3.40 -8.83
N SER B 180 17.33 4.13 -9.36
CA SER B 180 16.22 4.66 -8.58
C SER B 180 14.95 4.46 -9.39
N ALA B 181 14.22 3.42 -9.10
CA ALA B 181 12.96 3.14 -9.83
C ALA B 181 11.80 3.69 -9.00
N THR B 182 11.13 4.68 -9.55
CA THR B 182 9.97 5.31 -8.87
C THR B 182 8.68 4.67 -9.39
N SER B 183 7.66 4.64 -8.53
CA SER B 183 6.36 4.00 -8.86
C SER B 183 5.17 4.95 -8.63
N GLY B 184 4.33 5.04 -9.67
CA GLY B 184 3.12 5.92 -9.70
C GLY B 184 1.94 5.34 -8.88
N ALA B 185 0.87 6.13 -8.88
CA ALA B 185 -0.37 5.80 -8.15
C ALA B 185 -1.48 5.30 -9.11
N TYR B 186 -2.58 4.90 -8.50
CA TYR B 186 -3.80 4.37 -9.17
C TYR B 186 -3.36 3.39 -10.28
N GLN B 187 -3.81 3.60 -11.51
CA GLN B 187 -3.45 2.63 -12.58
C GLN B 187 -1.93 2.63 -12.93
N TRP B 188 -1.18 3.58 -12.41
CA TRP B 188 0.29 3.62 -12.68
C TRP B 188 1.02 3.05 -11.46
N SER B 189 0.31 2.16 -10.77
CA SER B 189 0.82 1.49 -9.57
C SER B 189 1.45 0.15 -9.93
N TYR B 190 1.11 -0.47 -11.05
CA TYR B 190 1.64 -1.80 -11.35
C TYR B 190 3.00 -1.97 -12.03
N GLU B 191 3.61 -0.88 -12.48
CA GLU B 191 4.89 -0.95 -13.17
C GLU B 191 5.97 -1.57 -12.33
N THR B 192 6.78 -2.43 -12.96
CA THR B 192 7.89 -3.13 -12.33
C THR B 192 9.19 -2.73 -13.03
N HIS B 193 10.32 -3.03 -12.42
CA HIS B 193 11.60 -2.65 -13.00
C HIS B 193 12.71 -3.67 -12.81
N ASP B 194 12.93 -4.48 -13.83
CA ASP B 194 13.97 -5.50 -13.78
C ASP B 194 15.24 -4.99 -14.46
N VAL B 195 16.38 -5.22 -13.80
CA VAL B 195 17.68 -4.86 -14.35
C VAL B 195 18.46 -6.12 -14.13
N LEU B 196 19.06 -6.67 -15.19
CA LEU B 196 19.80 -7.93 -15.07
C LEU B 196 21.26 -7.89 -15.48
N SER B 197 21.69 -6.75 -16.03
CA SER B 197 23.07 -6.53 -16.45
C SER B 197 23.43 -5.08 -16.20
N TRP B 198 24.66 -4.83 -15.76
CA TRP B 198 25.13 -3.47 -15.50
C TRP B 198 26.65 -3.44 -15.39
N SER B 199 27.27 -2.52 -16.13
CA SER B 199 28.73 -2.33 -16.14
C SER B 199 28.99 -0.85 -16.00
N PHE B 200 29.99 -0.47 -15.22
CA PHE B 200 30.30 0.94 -15.04
C PHE B 200 31.79 1.18 -15.26
N SER B 201 32.22 2.44 -15.36
CA SER B 201 33.62 2.74 -15.57
C SER B 201 33.99 4.21 -15.47
N SER B 202 34.70 4.61 -14.42
CA SER B 202 35.11 5.99 -14.28
C SER B 202 36.56 6.07 -14.72
N LYS B 203 37.00 7.25 -15.17
CA LYS B 203 38.38 7.44 -15.65
C LYS B 203 38.90 8.88 -15.51
N PHE B 204 40.17 9.02 -15.17
CA PHE B 204 40.83 10.31 -15.00
C PHE B 204 42.10 10.35 -15.88
N ILE B 205 42.62 11.54 -16.16
CA ILE B 205 43.83 11.68 -16.97
C ILE B 205 44.73 12.86 -16.53
#